data_3SL9
#
_entry.id   3SL9
#
_cell.length_a   160.890
_cell.length_b   80.700
_cell.length_c   87.940
_cell.angle_alpha   90.00
_cell.angle_beta   102.00
_cell.angle_gamma   90.00
#
_symmetry.space_group_name_H-M   'C 1 2 1'
#
loop_
_entity.id
_entity.type
_entity.pdbx_description
1 polymer 'Catenin beta-1'
2 polymer 'B-cell CLL/lymphoma 9 protein'
3 non-polymer 1,2-ETHANEDIOL
4 non-polymer DI(HYDROXYETHYL)ETHER
5 non-polymer IMIDAZOLE
6 non-polymer GLYCEROL
7 water water
#
loop_
_entity_poly.entity_id
_entity_poly.type
_entity_poly.pdbx_seq_one_letter_code
_entity_poly.pdbx_strand_id
1 'polypeptide(L)'
;GSNYQDDAELATRAIPELTKLLNDEDQVVVNKAAVMVHQLSKKEASRHAIMRSPQMVSAIVRTMQNTNDVETARCTAGTL
HNLSHHREGLLAIFKSGGIPALVKMLGSPVDSVLFYAITTLHNLLLHQEGAKMAVRLAGGLQKMVALLNKTNVKFLAITT
DCLQILA
;
A,B,E,G
2 'polypeptide(L)' MALGENPDGLSQEQLEHRERSLQTLRDIQRMLFPDEKEFTGAQSGGPQQNPGVLD C,D,F,H
#
loop_
_chem_comp.id
_chem_comp.type
_chem_comp.name
_chem_comp.formula
EDO non-polymer 1,2-ETHANEDIOL 'C2 H6 O2'
GOL non-polymer GLYCEROL 'C3 H8 O3'
IMD non-polymer IMIDAZOLE 'C3 H5 N2 1'
PEG non-polymer DI(HYDROXYETHYL)ETHER 'C4 H10 O3'
#
# COMPACT_ATOMS: atom_id res chain seq x y z
N TYR A 4 -30.70 18.48 21.26
CA TYR A 4 -29.41 17.93 21.76
C TYR A 4 -29.68 16.49 22.25
N GLN A 5 -28.62 15.67 22.33
CA GLN A 5 -28.66 14.25 22.78
C GLN A 5 -29.15 13.30 21.69
N ASP A 6 -30.24 13.67 21.01
CA ASP A 6 -30.62 13.05 19.74
C ASP A 6 -29.54 13.41 18.74
N ASP A 7 -29.35 14.73 18.53
CA ASP A 7 -28.30 15.27 17.66
C ASP A 7 -26.92 14.67 17.91
N ALA A 8 -26.57 14.51 19.18
CA ALA A 8 -25.29 13.94 19.57
C ALA A 8 -25.07 12.55 18.97
N GLU A 9 -26.02 11.64 19.20
CA GLU A 9 -25.91 10.25 18.72
C GLU A 9 -25.99 10.11 17.18
N LEU A 10 -26.83 10.93 16.56
CA LEU A 10 -26.86 11.04 15.11
C LEU A 10 -25.46 11.34 14.53
N ALA A 11 -24.75 12.30 15.13
CA ALA A 11 -23.39 12.69 14.69
C ALA A 11 -22.38 11.55 14.88
N THR A 12 -22.34 11.00 16.09
CA THR A 12 -21.49 9.86 16.43
C THR A 12 -21.61 8.68 15.48
N ARG A 13 -22.79 8.49 14.90
CA ARG A 13 -23.00 7.36 13.97
C ARG A 13 -22.34 7.65 12.62
N ALA A 14 -22.57 8.86 12.14
CA ALA A 14 -22.01 9.36 10.89
C ALA A 14 -20.46 9.60 10.94
N ILE A 15 -19.93 10.00 12.11
CA ILE A 15 -18.51 10.40 12.22
C ILE A 15 -17.51 9.39 11.64
N PRO A 16 -17.72 8.06 11.87
CA PRO A 16 -16.66 7.20 11.29
C PRO A 16 -16.60 7.22 9.77
N GLU A 17 -17.75 7.37 9.12
CA GLU A 17 -17.77 7.32 7.67
C GLU A 17 -17.25 8.67 7.10
N LEU A 18 -17.69 9.77 7.69
CA LEU A 18 -17.15 11.09 7.37
C LEU A 18 -15.64 11.13 7.49
N THR A 19 -15.11 10.50 8.52
CA THR A 19 -13.70 10.39 8.65
C THR A 19 -13.15 9.73 7.39
N LYS A 20 -13.68 8.56 6.99
CA LYS A 20 -13.01 7.87 5.88
C LYS A 20 -13.17 8.67 4.60
N LEU A 21 -14.30 9.35 4.41
CA LEU A 21 -14.47 10.18 3.21
C LEU A 21 -13.54 11.40 3.18
N LEU A 22 -13.37 12.02 4.34
CA LEU A 22 -12.39 13.13 4.43
C LEU A 22 -10.97 12.68 4.08
N ASN A 23 -10.62 11.44 4.41
CA ASN A 23 -9.31 10.85 4.09
C ASN A 23 -9.22 10.23 2.67
N ASP A 24 -10.24 10.43 1.81
CA ASP A 24 -10.30 9.80 0.47
C ASP A 24 -9.27 10.41 -0.45
N GLU A 25 -8.94 9.73 -1.54
CA GLU A 25 -7.96 10.28 -2.49
C GLU A 25 -8.61 11.16 -3.50
N ASP A 26 -9.93 11.08 -3.60
CA ASP A 26 -10.69 11.85 -4.59
C ASP A 26 -11.13 13.20 -3.96
N GLN A 27 -10.62 14.28 -4.51
CA GLN A 27 -10.74 15.61 -3.91
C GLN A 27 -12.14 16.15 -4.01
N VAL A 28 -12.96 15.66 -4.94
CA VAL A 28 -14.41 15.99 -4.93
C VAL A 28 -15.09 15.40 -3.71
N VAL A 29 -14.73 14.17 -3.36
CA VAL A 29 -15.28 13.48 -2.24
C VAL A 29 -14.87 14.20 -0.91
N VAL A 30 -13.57 14.49 -0.81
CA VAL A 30 -13.02 15.20 0.34
C VAL A 30 -13.79 16.52 0.59
N ASN A 31 -13.94 17.31 -0.47
CA ASN A 31 -14.60 18.62 -0.42
C ASN A 31 -15.99 18.49 0.18
N LYS A 32 -16.76 17.54 -0.33
CA LYS A 32 -18.12 17.39 0.17
C LYS A 32 -18.12 16.89 1.55
N ALA A 33 -17.21 16.00 1.87
CA ALA A 33 -17.31 15.55 3.23
C ALA A 33 -16.89 16.75 4.17
N ALA A 34 -15.97 17.60 3.70
CA ALA A 34 -15.51 18.78 4.48
C ALA A 34 -16.65 19.79 4.67
N VAL A 35 -17.46 20.03 3.63
CA VAL A 35 -18.61 20.95 3.78
C VAL A 35 -19.46 20.42 4.91
N MET A 36 -19.60 19.11 4.92
CA MET A 36 -20.58 18.54 5.83
C MET A 36 -20.11 18.60 7.27
N VAL A 37 -18.84 18.27 7.47
CA VAL A 37 -18.19 18.34 8.71
C VAL A 37 -18.24 19.79 9.17
N HIS A 38 -17.94 20.73 8.31
CA HIS A 38 -18.10 22.11 8.75
C HIS A 38 -19.55 22.42 9.23
N GLN A 39 -20.57 22.01 8.46
CA GLN A 39 -21.96 22.26 8.86
C GLN A 39 -22.23 21.59 10.17
N LEU A 40 -21.78 20.34 10.35
CA LEU A 40 -21.92 19.68 11.65
C LEU A 40 -21.28 20.43 12.81
N SER A 41 -20.23 21.21 12.55
CA SER A 41 -19.48 21.80 13.66
C SER A 41 -20.24 23.00 14.19
N LYS A 42 -21.27 23.43 13.46
CA LYS A 42 -22.09 24.57 13.88
C LYS A 42 -23.12 24.32 14.99
N LYS A 43 -23.41 23.07 15.31
CA LYS A 43 -24.36 22.78 16.38
C LYS A 43 -23.60 22.11 17.50
N GLU A 44 -23.82 22.56 18.73
CA GLU A 44 -22.97 22.21 19.88
C GLU A 44 -22.90 20.72 20.17
N ALA A 45 -24.04 20.05 20.06
CA ALA A 45 -24.13 18.61 20.27
C ALA A 45 -23.18 17.85 19.35
N SER A 46 -23.34 18.05 18.05
CA SER A 46 -22.50 17.35 17.05
C SER A 46 -21.05 17.86 17.01
N ARG A 47 -20.86 19.16 17.24
CA ARG A 47 -19.53 19.72 17.57
C ARG A 47 -18.84 18.93 18.70
N HIS A 48 -19.58 18.57 19.76
CA HIS A 48 -19.02 17.74 20.83
C HIS A 48 -18.65 16.34 20.40
N ALA A 49 -19.41 15.77 19.46
CA ALA A 49 -19.04 14.44 18.96
C ALA A 49 -17.83 14.50 18.01
N ILE A 50 -17.69 15.60 17.26
CA ILE A 50 -16.50 15.80 16.43
C ILE A 50 -15.32 15.85 17.36
N MET A 51 -15.40 16.65 18.43
CA MET A 51 -14.19 16.87 19.24
C MET A 51 -13.81 15.65 20.07
N ARG A 52 -14.78 14.76 20.31
CA ARG A 52 -14.51 13.50 21.00
C ARG A 52 -13.89 12.44 20.07
N SER A 53 -13.76 12.75 18.77
CA SER A 53 -13.17 11.74 17.88
C SER A 53 -11.77 12.12 17.35
N PRO A 54 -10.72 11.52 17.95
CA PRO A 54 -9.35 11.78 17.49
C PRO A 54 -9.16 11.60 16.00
N GLN A 55 -9.81 10.58 15.43
CA GLN A 55 -9.66 10.24 14.05
C GLN A 55 -10.26 11.35 13.15
N MET A 56 -11.40 11.82 13.53
CA MET A 56 -12.07 12.86 12.79
C MET A 56 -11.18 14.16 12.87
N VAL A 57 -10.72 14.47 14.07
CA VAL A 57 -9.92 15.69 14.25
C VAL A 57 -8.68 15.55 13.46
N SER A 58 -7.99 14.38 13.51
CA SER A 58 -6.78 14.22 12.68
C SER A 58 -7.03 14.31 11.16
N ALA A 59 -8.19 13.83 10.72
CA ALA A 59 -8.50 13.89 9.27
C ALA A 59 -8.77 15.35 8.89
N ILE A 60 -9.43 16.08 9.77
CA ILE A 60 -9.68 17.50 9.43
C ILE A 60 -8.34 18.25 9.32
N VAL A 61 -7.45 18.02 10.29
CA VAL A 61 -6.13 18.71 10.32
C VAL A 61 -5.36 18.37 9.06
N ARG A 62 -5.34 17.08 8.73
CA ARG A 62 -4.49 16.60 7.62
C ARG A 62 -5.03 17.10 6.28
N THR A 63 -6.35 17.06 6.15
CA THR A 63 -6.95 17.58 4.94
C THR A 63 -6.65 19.07 4.79
N MET A 64 -6.87 19.83 5.86
CA MET A 64 -6.60 21.30 5.85
C MET A 64 -5.21 21.59 5.30
N GLN A 65 -4.27 20.80 5.76
CA GLN A 65 -2.87 20.98 5.46
C GLN A 65 -2.42 20.50 4.07
N ASN A 66 -3.10 19.45 3.56
CA ASN A 66 -2.63 18.88 2.28
C ASN A 66 -3.43 19.34 1.10
N THR A 67 -4.61 19.88 1.33
CA THR A 67 -5.51 20.23 0.23
C THR A 67 -5.01 21.36 -0.67
N ASN A 68 -5.55 21.40 -1.89
CA ASN A 68 -5.22 22.47 -2.85
C ASN A 68 -6.51 23.06 -3.25
N ASP A 69 -7.55 22.62 -2.60
CA ASP A 69 -8.80 23.23 -2.90
C ASP A 69 -9.20 24.24 -1.85
N VAL A 70 -9.47 25.45 -2.35
CA VAL A 70 -9.65 26.63 -1.59
C VAL A 70 -10.80 26.38 -0.67
N GLU A 71 -11.86 25.83 -1.22
CA GLU A 71 -13.06 25.68 -0.43
C GLU A 71 -12.78 24.61 0.66
N THR A 72 -12.01 23.58 0.34
CA THR A 72 -11.80 22.54 1.34
C THR A 72 -10.93 23.14 2.50
N ALA A 73 -9.95 23.95 2.14
CA ALA A 73 -9.11 24.62 3.16
C ALA A 73 -9.95 25.55 4.02
N ARG A 74 -10.81 26.34 3.38
CA ARG A 74 -11.73 27.13 4.16
C ARG A 74 -12.59 26.37 5.15
N CYS A 75 -13.29 25.33 4.68
CA CYS A 75 -14.20 24.59 5.53
C CYS A 75 -13.53 23.78 6.59
N THR A 76 -12.34 23.23 6.31
CA THR A 76 -11.71 22.51 7.40
C THR A 76 -11.09 23.52 8.43
N ALA A 77 -10.51 24.61 7.94
CA ALA A 77 -9.99 25.72 8.90
C ALA A 77 -11.16 26.26 9.77
N GLY A 78 -12.28 26.56 9.10
CA GLY A 78 -13.56 26.97 9.82
C GLY A 78 -13.95 25.99 10.87
N THR A 79 -13.75 24.71 10.56
CA THR A 79 -14.17 23.68 11.53
C THR A 79 -13.24 23.68 12.76
N LEU A 80 -11.95 23.81 12.55
CA LEU A 80 -11.03 23.84 13.70
C LEU A 80 -11.37 25.10 14.50
N HIS A 81 -11.69 26.16 13.81
CA HIS A 81 -12.06 27.39 14.45
C HIS A 81 -13.21 27.16 15.37
N ASN A 82 -14.24 26.42 14.92
CA ASN A 82 -15.39 26.17 15.75
C ASN A 82 -15.04 25.25 16.94
N LEU A 83 -14.19 24.25 16.75
CA LEU A 83 -13.76 23.43 17.85
C LEU A 83 -12.95 24.21 18.88
N SER A 84 -12.22 25.25 18.42
CA SER A 84 -11.28 25.99 19.29
C SER A 84 -11.98 26.84 20.35
N HIS A 85 -13.31 26.96 20.25
CA HIS A 85 -14.12 27.65 21.23
C HIS A 85 -14.41 26.79 22.46
N HIS A 86 -13.82 25.61 22.57
CA HIS A 86 -14.15 24.75 23.68
C HIS A 86 -12.85 24.24 24.17
N ARG A 87 -12.75 24.10 25.49
CA ARG A 87 -11.52 23.51 26.04
C ARG A 87 -11.12 22.13 25.48
N GLU A 88 -12.10 21.31 25.15
CA GLU A 88 -11.87 19.95 24.69
C GLU A 88 -11.52 20.01 23.21
N GLY A 89 -12.16 20.93 22.50
CA GLY A 89 -11.76 21.24 21.10
C GLY A 89 -10.31 21.65 20.99
N LEU A 90 -9.85 22.65 21.78
CA LEU A 90 -8.45 23.07 21.83
C LEU A 90 -7.50 21.89 22.06
N LEU A 91 -7.85 21.03 23.00
CA LEU A 91 -6.98 19.93 23.35
C LEU A 91 -6.90 18.94 22.18
N ALA A 92 -8.06 18.65 21.60
CA ALA A 92 -8.09 17.75 20.43
C ALA A 92 -7.26 18.31 19.23
N ILE A 93 -7.39 19.63 18.95
CA ILE A 93 -6.57 20.21 17.86
C ILE A 93 -5.10 20.04 18.22
N PHE A 94 -4.81 20.31 19.48
CA PHE A 94 -3.43 20.26 19.91
C PHE A 94 -2.86 18.83 19.78
N LYS A 95 -3.51 17.89 20.43
CA LYS A 95 -3.01 16.47 20.31
C LYS A 95 -3.01 15.92 18.88
N SER A 96 -3.89 16.44 18.04
CA SER A 96 -3.89 16.00 16.67
C SER A 96 -2.80 16.58 15.78
N GLY A 97 -1.86 17.39 16.26
CA GLY A 97 -0.97 17.99 15.29
C GLY A 97 -1.59 19.21 14.57
N GLY A 98 -2.71 19.73 15.07
CA GLY A 98 -3.29 20.97 14.49
C GLY A 98 -2.41 22.22 14.43
N ILE A 99 -1.48 22.39 15.38
CA ILE A 99 -0.68 23.66 15.40
C ILE A 99 0.21 23.87 14.18
N PRO A 100 1.01 22.85 13.82
CA PRO A 100 1.82 23.12 12.66
C PRO A 100 1.00 23.22 11.37
N ALA A 101 -0.14 22.54 11.27
CA ALA A 101 -1.02 22.70 10.13
C ALA A 101 -1.55 24.16 10.04
N LEU A 102 -2.01 24.66 11.18
CA LEU A 102 -2.56 25.97 11.26
C LEU A 102 -1.46 26.99 10.93
N VAL A 103 -0.25 26.74 11.37
CA VAL A 103 0.75 27.75 11.10
C VAL A 103 1.02 27.77 9.59
N LYS A 104 0.97 26.59 8.98
CA LYS A 104 1.17 26.52 7.54
C LYS A 104 0.09 27.30 6.76
N MET A 105 -1.13 27.27 7.27
CA MET A 105 -2.22 28.01 6.62
C MET A 105 -2.02 29.53 6.74
N LEU A 106 -1.10 29.97 7.62
CA LEU A 106 -0.75 31.43 7.64
C LEU A 106 -0.08 31.89 6.31
N GLY A 107 0.32 30.97 5.43
CA GLY A 107 0.84 31.34 4.11
C GLY A 107 -0.24 31.39 3.01
N SER A 108 -1.48 31.11 3.35
CA SER A 108 -2.53 31.09 2.37
C SER A 108 -2.81 32.48 1.82
N PRO A 109 -3.04 32.60 0.48
CA PRO A 109 -3.42 33.92 -0.06
C PRO A 109 -4.89 34.15 0.18
N VAL A 110 -5.56 33.22 0.84
CA VAL A 110 -7.00 33.34 0.97
C VAL A 110 -7.44 33.88 2.31
N ASP A 111 -8.29 34.91 2.27
CA ASP A 111 -8.67 35.69 3.46
C ASP A 111 -9.43 34.95 4.54
N SER A 112 -10.46 34.16 4.19
CA SER A 112 -11.24 33.36 5.17
C SER A 112 -10.35 32.33 5.90
N VAL A 113 -9.46 31.73 5.15
CA VAL A 113 -8.51 30.73 5.66
C VAL A 113 -7.50 31.35 6.69
N LEU A 114 -6.82 32.42 6.25
CA LEU A 114 -5.95 33.24 7.14
C LEU A 114 -6.71 33.56 8.35
N PHE A 115 -7.95 34.02 8.16
CA PHE A 115 -8.78 34.39 9.26
C PHE A 115 -9.00 33.23 10.26
N TYR A 116 -9.41 32.08 9.77
CA TYR A 116 -9.66 30.98 10.71
C TYR A 116 -8.34 30.49 11.33
N ALA A 117 -7.26 30.54 10.58
CA ALA A 117 -6.00 30.05 11.08
C ALA A 117 -5.50 30.96 12.17
N ILE A 118 -5.51 32.28 11.94
CA ILE A 118 -4.95 33.16 12.99
C ILE A 118 -5.78 33.18 14.26
N THR A 119 -7.12 33.08 14.13
CA THR A 119 -7.98 33.12 15.32
C THR A 119 -7.89 31.80 16.12
N THR A 120 -7.85 30.70 15.40
CA THR A 120 -7.64 29.42 16.08
C THR A 120 -6.31 29.47 16.82
N LEU A 121 -5.25 29.89 16.16
CA LEU A 121 -3.94 29.93 16.83
C LEU A 121 -4.02 30.83 18.09
N HIS A 122 -4.79 31.90 17.99
CA HIS A 122 -4.92 32.91 19.05
C HIS A 122 -5.60 32.21 20.19
N ASN A 123 -6.69 31.47 19.92
CA ASN A 123 -7.39 30.77 20.98
C ASN A 123 -6.49 29.70 21.64
N LEU A 124 -5.71 28.97 20.83
CA LEU A 124 -4.73 28.00 21.41
C LEU A 124 -3.66 28.73 22.30
N LEU A 125 -3.14 29.86 21.82
CA LEU A 125 -2.09 30.57 22.54
C LEU A 125 -2.61 31.06 23.87
N LEU A 126 -3.89 31.49 23.89
CA LEU A 126 -4.51 32.04 25.05
C LEU A 126 -4.87 31.01 26.12
N HIS A 127 -5.25 29.80 25.71
CA HIS A 127 -6.01 28.87 26.51
C HIS A 127 -5.41 27.46 26.58
N GLN A 128 -4.49 27.13 25.68
CA GLN A 128 -4.02 25.75 25.63
C GLN A 128 -2.63 25.65 26.08
N GLU A 129 -2.46 24.95 27.18
CA GLU A 129 -1.13 24.64 27.68
C GLU A 129 -0.34 23.87 26.66
N GLY A 130 0.90 24.29 26.51
CA GLY A 130 1.84 23.72 25.53
C GLY A 130 1.76 24.46 24.18
N ALA A 131 0.74 25.29 23.97
CA ALA A 131 0.61 25.87 22.55
C ALA A 131 1.72 26.83 22.16
N LYS A 132 2.16 27.67 23.12
CA LYS A 132 3.21 28.63 22.77
C LYS A 132 4.43 27.94 22.17
N MET A 133 4.92 26.92 22.87
CA MET A 133 6.14 26.20 22.38
C MET A 133 5.95 25.49 21.07
N ALA A 134 4.75 24.94 20.89
CA ALA A 134 4.47 24.18 19.66
C ALA A 134 4.28 25.20 18.51
N VAL A 135 3.78 26.38 18.80
CA VAL A 135 3.72 27.35 17.67
C VAL A 135 5.14 27.75 17.28
N ARG A 136 6.00 27.94 18.28
CA ARG A 136 7.41 28.33 17.97
C ARG A 136 8.07 27.27 17.18
N LEU A 137 7.83 26.03 17.59
CA LEU A 137 8.52 24.86 16.94
C LEU A 137 8.16 24.75 15.47
N ALA A 138 6.92 25.14 15.16
CA ALA A 138 6.44 25.17 13.79
C ALA A 138 6.93 26.37 13.00
N GLY A 139 7.79 27.24 13.59
CA GLY A 139 8.25 28.48 12.90
C GLY A 139 7.15 29.63 12.91
N GLY A 140 6.24 29.58 13.84
CA GLY A 140 5.05 30.44 13.84
C GLY A 140 5.36 31.88 14.13
N LEU A 141 6.45 32.15 14.83
CA LEU A 141 6.81 33.56 15.09
C LEU A 141 7.18 34.26 13.80
N GLN A 142 8.06 33.69 13.00
CA GLN A 142 8.43 34.24 11.69
C GLN A 142 7.27 34.30 10.71
N LYS A 143 6.48 33.25 10.62
CA LYS A 143 5.36 33.28 9.68
C LYS A 143 4.38 34.39 10.13
N MET A 144 4.16 34.56 11.46
CA MET A 144 3.30 35.64 11.94
C MET A 144 3.90 37.03 11.62
N VAL A 145 5.20 37.18 11.82
CA VAL A 145 5.86 38.42 11.54
C VAL A 145 5.81 38.67 10.05
N ALA A 146 5.78 37.62 9.23
CA ALA A 146 5.73 37.90 7.74
C ALA A 146 4.38 38.51 7.28
N LEU A 147 3.30 38.24 8.01
CA LEU A 147 1.98 38.78 7.73
C LEU A 147 1.77 40.27 8.08
N LEU A 148 2.64 40.82 8.94
CA LEU A 148 2.38 42.14 9.57
C LEU A 148 2.21 43.27 8.54
N ASN A 149 2.79 43.16 7.37
CA ASN A 149 2.74 44.24 6.40
C ASN A 149 1.81 43.86 5.28
N LYS A 150 0.95 42.88 5.51
CA LYS A 150 0.29 42.25 4.35
C LYS A 150 -1.17 42.10 4.63
N THR A 151 -1.65 42.51 5.80
CA THR A 151 -3.04 42.23 6.18
C THR A 151 -3.73 43.47 6.67
N ASN A 152 -5.05 43.44 6.84
CA ASN A 152 -5.78 44.59 7.38
C ASN A 152 -5.58 44.74 8.89
N VAL A 153 -6.16 45.77 9.47
CA VAL A 153 -5.71 46.28 10.71
C VAL A 153 -6.35 45.37 11.80
N LYS A 154 -7.43 44.67 11.44
CA LYS A 154 -8.04 43.72 12.36
C LYS A 154 -7.19 42.42 12.52
N PHE A 155 -6.66 41.91 11.40
CA PHE A 155 -5.77 40.77 11.38
C PHE A 155 -4.47 41.22 12.06
N LEU A 156 -4.01 42.41 11.71
CA LEU A 156 -2.78 42.93 12.29
C LEU A 156 -2.86 42.91 13.84
N ALA A 157 -3.99 43.38 14.37
CA ALA A 157 -4.26 43.42 15.83
C ALA A 157 -4.24 42.01 16.48
N ILE A 158 -4.86 41.02 15.84
CA ILE A 158 -4.85 39.73 16.40
C ILE A 158 -3.47 39.13 16.33
N THR A 159 -2.82 39.29 15.19
CA THR A 159 -1.51 38.76 15.00
C THR A 159 -0.50 39.43 15.97
N THR A 160 -0.61 40.75 16.14
CA THR A 160 0.22 41.48 17.14
C THR A 160 0.02 40.87 18.55
N ASP A 161 -1.24 40.55 18.89
CA ASP A 161 -1.52 39.91 20.15
C ASP A 161 -0.90 38.47 20.27
N CYS A 162 -0.93 37.65 19.18
CA CYS A 162 -0.30 36.34 19.20
C CYS A 162 1.18 36.59 19.45
N LEU A 163 1.74 37.61 18.84
CA LEU A 163 3.15 37.85 19.00
C LEU A 163 3.55 38.26 20.40
N GLN A 164 2.66 38.96 21.09
CA GLN A 164 2.98 39.45 22.43
C GLN A 164 2.95 38.16 23.33
N ILE A 165 2.04 37.23 23.02
CA ILE A 165 1.99 35.97 23.74
C ILE A 165 3.27 35.15 23.59
N LEU A 166 3.82 35.09 22.38
CA LEU A 166 4.97 34.29 22.02
C LEU A 166 6.38 34.81 22.28
N ALA A 167 6.63 36.11 22.20
CA ALA A 167 8.02 36.57 22.01
C ALA A 167 8.95 36.16 23.17
N PRO B 7 -13.94 14.34 -17.77
CA PRO B 7 -14.24 15.63 -17.14
C PRO B 7 -13.01 16.09 -16.31
N ASP B 8 -12.81 15.51 -15.13
CA ASP B 8 -11.46 15.43 -14.62
C ASP B 8 -10.60 14.34 -15.38
N GLY B 9 -11.19 13.62 -16.34
CA GLY B 9 -10.48 12.49 -17.02
C GLY B 9 -10.16 11.39 -16.00
N LEU B 10 -11.19 10.96 -15.28
CA LEU B 10 -11.10 9.87 -14.34
C LEU B 10 -11.24 8.57 -15.19
N SER B 11 -10.66 7.51 -14.66
CA SER B 11 -10.83 6.19 -15.19
C SER B 11 -12.23 5.76 -14.72
N GLN B 12 -12.76 4.71 -15.33
CA GLN B 12 -14.09 4.24 -14.92
C GLN B 12 -14.07 3.72 -13.55
N GLU B 13 -12.96 3.08 -13.16
CA GLU B 13 -12.88 2.67 -11.76
C GLU B 13 -12.90 3.94 -10.84
N GLN B 14 -12.20 4.99 -11.23
CA GLN B 14 -12.30 6.21 -10.36
C GLN B 14 -13.72 6.80 -10.39
N LEU B 15 -14.37 6.76 -11.55
CA LEU B 15 -15.74 7.38 -11.65
C LEU B 15 -16.69 6.59 -10.83
N GLU B 16 -16.50 5.28 -10.78
CA GLU B 16 -17.41 4.44 -9.95
C GLU B 16 -17.22 4.73 -8.44
N HIS B 17 -15.96 4.76 -8.00
CA HIS B 17 -15.64 5.17 -6.62
C HIS B 17 -16.21 6.59 -6.27
N ARG B 18 -16.04 7.53 -7.18
CA ARG B 18 -16.60 8.84 -6.91
C ARG B 18 -18.11 8.75 -6.66
N GLU B 19 -18.83 8.01 -7.53
CA GLU B 19 -20.31 7.89 -7.40
C GLU B 19 -20.76 7.16 -6.15
N ARG B 20 -20.18 6.02 -5.83
CA ARG B 20 -20.51 5.38 -4.58
C ARG B 20 -20.21 6.31 -3.36
N SER B 21 -19.15 7.12 -3.44
CA SER B 21 -18.80 7.95 -2.26
C SER B 21 -19.80 9.05 -2.10
N LEU B 22 -20.16 9.69 -3.22
CA LEU B 22 -21.15 10.75 -3.24
C LEU B 22 -22.51 10.20 -2.78
N GLN B 23 -22.84 8.94 -3.08
CA GLN B 23 -24.11 8.40 -2.62
C GLN B 23 -24.17 8.25 -1.12
N THR B 24 -23.15 7.64 -0.53
CA THR B 24 -22.99 7.54 0.90
C THR B 24 -23.09 8.93 1.54
N LEU B 25 -22.50 9.94 0.92
CA LEU B 25 -22.56 11.33 1.39
C LEU B 25 -23.99 11.85 1.40
N ARG B 26 -24.70 11.64 0.28
CA ARG B 26 -26.18 11.85 0.24
C ARG B 26 -26.92 11.03 1.32
N ASP B 27 -26.55 9.77 1.57
CA ASP B 27 -27.15 9.01 2.67
C ASP B 27 -26.92 9.65 4.02
N ILE B 28 -25.71 10.14 4.22
CA ILE B 28 -25.35 10.80 5.47
C ILE B 28 -26.03 12.17 5.53
N GLN B 29 -26.01 12.92 4.43
CA GLN B 29 -26.73 14.19 4.39
C GLN B 29 -28.22 13.99 4.76
N ARG B 30 -28.83 12.93 4.26
CA ARG B 30 -30.21 12.56 4.61
C ARG B 30 -30.40 12.29 6.09
N MET B 31 -29.61 11.38 6.67
CA MET B 31 -29.62 11.09 8.10
C MET B 31 -29.37 12.35 8.94
N LEU B 32 -28.51 13.26 8.47
CA LEU B 32 -28.22 14.53 9.19
C LEU B 32 -29.11 15.72 8.76
N PHE B 33 -29.96 15.48 7.75
CA PHE B 33 -30.91 16.46 7.15
C PHE B 33 -30.33 17.82 6.71
N ASN C 3 31.48 -8.77 1.74
CA ASN C 3 32.11 -7.54 1.17
C ASN C 3 31.24 -6.30 1.44
N TYR C 4 31.92 -5.17 1.66
CA TYR C 4 31.33 -3.84 1.82
C TYR C 4 30.51 -3.46 0.59
N GLN C 5 31.05 -3.79 -0.57
CA GLN C 5 30.38 -3.58 -1.86
C GLN C 5 29.01 -4.28 -1.97
N ASP C 6 28.96 -5.52 -1.45
CA ASP C 6 27.74 -6.34 -1.44
C ASP C 6 26.66 -5.68 -0.60
N ASP C 7 26.96 -5.47 0.68
CA ASP C 7 26.13 -4.70 1.61
C ASP C 7 25.65 -3.38 1.00
N ALA C 8 26.57 -2.59 0.42
CA ALA C 8 26.19 -1.31 -0.24
C ALA C 8 25.12 -1.45 -1.32
N GLU C 9 25.25 -2.45 -2.20
CA GLU C 9 24.29 -2.67 -3.30
C GLU C 9 22.90 -3.19 -2.83
N LEU C 10 22.92 -4.08 -1.83
CA LEU C 10 21.74 -4.65 -1.23
C LEU C 10 20.89 -3.63 -0.47
N ALA C 11 21.54 -2.91 0.45
CA ALA C 11 20.88 -1.81 1.17
C ALA C 11 20.26 -0.90 0.15
N THR C 12 21.03 -0.60 -0.91
CA THR C 12 20.54 0.27 -1.98
C THR C 12 19.38 -0.35 -2.76
N ARG C 13 19.41 -1.67 -2.97
CA ARG C 13 18.29 -2.34 -3.63
C ARG C 13 17.03 -2.13 -2.80
N ALA C 14 17.19 -2.24 -1.48
CA ALA C 14 16.10 -2.35 -0.53
C ALA C 14 15.56 -1.02 -0.09
N ILE C 15 16.32 0.04 -0.30
CA ILE C 15 15.94 1.31 0.27
C ILE C 15 14.58 1.86 -0.23
N PRO C 16 14.29 1.78 -1.54
CA PRO C 16 13.03 2.44 -1.91
C PRO C 16 11.78 1.77 -1.35
N GLU C 17 11.88 0.51 -0.97
CA GLU C 17 10.70 -0.20 -0.52
C GLU C 17 10.61 -0.06 0.98
N LEU C 18 11.75 -0.11 1.66
CA LEU C 18 11.78 0.25 3.08
C LEU C 18 11.25 1.69 3.28
N THR C 19 11.54 2.56 2.33
CA THR C 19 11.02 3.92 2.39
C THR C 19 9.50 3.95 2.33
N LYS C 20 8.94 3.27 1.33
CA LYS C 20 7.47 3.17 1.24
C LYS C 20 6.89 2.45 2.46
N LEU C 21 7.58 1.46 3.01
CA LEU C 21 6.96 0.82 4.17
C LEU C 21 6.95 1.74 5.42
N LEU C 22 7.97 2.57 5.55
CA LEU C 22 8.06 3.51 6.67
C LEU C 22 6.94 4.52 6.54
N ASN C 23 6.56 4.77 5.27
CA ASN C 23 5.46 5.69 4.89
C ASN C 23 4.05 5.06 4.91
N ASP C 24 3.98 3.77 5.24
CA ASP C 24 2.70 3.06 5.31
C ASP C 24 1.71 3.59 6.35
N GLU C 25 0.43 3.54 6.01
CA GLU C 25 -0.63 3.86 6.98
C GLU C 25 -0.70 2.88 8.17
N ASP C 26 -0.27 1.63 7.97
CA ASP C 26 -0.32 0.62 9.04
C ASP C 26 0.91 0.70 9.96
N GLN C 27 0.66 0.90 11.25
CA GLN C 27 1.71 1.32 12.18
C GLN C 27 2.48 0.13 12.70
N VAL C 28 1.92 -1.06 12.53
CA VAL C 28 2.65 -2.29 12.75
C VAL C 28 3.67 -2.39 11.61
N VAL C 29 3.26 -2.01 10.40
CA VAL C 29 4.17 -2.05 9.24
C VAL C 29 5.28 -0.97 9.40
N VAL C 30 4.90 0.25 9.77
CA VAL C 30 5.85 1.33 10.11
C VAL C 30 6.87 0.84 11.13
N ASN C 31 6.38 0.37 12.25
CA ASN C 31 7.26 -0.12 13.31
C ASN C 31 8.35 -1.10 12.86
N LYS C 32 7.94 -2.12 12.11
CA LYS C 32 8.86 -3.14 11.57
C LYS C 32 9.85 -2.57 10.59
N ALA C 33 9.37 -1.73 9.70
CA ALA C 33 10.32 -1.10 8.81
C ALA C 33 11.34 -0.22 9.63
N ALA C 34 10.88 0.46 10.69
CA ALA C 34 11.76 1.33 11.54
C ALA C 34 12.85 0.50 12.19
N VAL C 35 12.46 -0.66 12.73
CA VAL C 35 13.39 -1.62 13.33
C VAL C 35 14.40 -2.02 12.30
N MET C 36 13.95 -2.29 11.09
CA MET C 36 14.89 -2.77 10.10
C MET C 36 15.84 -1.68 9.61
N VAL C 37 15.30 -0.48 9.40
CA VAL C 37 16.10 0.63 8.94
C VAL C 37 17.12 0.99 10.05
N HIS C 38 16.71 0.93 11.29
CA HIS C 38 17.70 1.15 12.35
C HIS C 38 18.80 0.08 12.29
N GLN C 39 18.40 -1.16 12.06
CA GLN C 39 19.37 -2.25 12.06
C GLN C 39 20.33 -2.02 10.89
N LEU C 40 19.78 -1.58 9.76
CA LEU C 40 20.55 -1.23 8.61
C LEU C 40 21.55 -0.16 8.94
N SER C 41 21.21 0.76 9.86
CA SER C 41 22.07 1.91 10.05
C SER C 41 23.32 1.58 10.87
N LYS C 42 23.32 0.42 11.53
CA LYS C 42 24.43 0.02 12.42
C LYS C 42 25.64 -0.47 11.60
N LYS C 43 25.47 -0.78 10.32
CA LYS C 43 26.60 -1.17 9.47
C LYS C 43 26.99 -0.02 8.53
N GLU C 44 28.30 0.22 8.45
CA GLU C 44 28.82 1.33 7.68
C GLU C 44 28.30 1.43 6.27
N ALA C 45 28.55 0.41 5.44
CA ALA C 45 28.07 0.40 4.03
C ALA C 45 26.57 0.73 3.88
N SER C 46 25.70 0.10 4.64
CA SER C 46 24.28 0.41 4.48
C SER C 46 23.90 1.79 5.10
N ARG C 47 24.53 2.16 6.21
CA ARG C 47 24.34 3.52 6.74
C ARG C 47 24.66 4.57 5.68
N HIS C 48 25.73 4.34 4.89
CA HIS C 48 26.09 5.27 3.78
C HIS C 48 25.06 5.28 2.67
N ALA C 49 24.51 4.12 2.36
CA ALA C 49 23.46 4.08 1.34
C ALA C 49 22.22 4.82 1.85
N ILE C 50 21.87 4.64 3.12
CA ILE C 50 20.71 5.41 3.66
C ILE C 50 20.96 6.91 3.55
N MET C 51 22.17 7.38 3.89
CA MET C 51 22.34 8.84 3.95
C MET C 51 22.45 9.47 2.56
N ARG C 52 22.59 8.60 1.57
CA ARG C 52 22.50 9.08 0.19
C ARG C 52 21.07 9.20 -0.27
N SER C 53 20.11 8.75 0.53
CA SER C 53 18.70 8.74 0.11
C SER C 53 17.79 9.75 0.82
N PRO C 54 17.44 10.85 0.13
CA PRO C 54 16.70 11.96 0.70
C PRO C 54 15.34 11.50 1.13
N GLN C 55 14.84 10.47 0.46
CA GLN C 55 13.47 10.09 0.62
C GLN C 55 13.38 9.18 1.83
N MET C 56 14.38 8.31 1.99
CA MET C 56 14.47 7.47 3.18
C MET C 56 14.65 8.38 4.46
N VAL C 57 15.56 9.36 4.37
CA VAL C 57 15.84 10.23 5.60
C VAL C 57 14.58 11.01 5.95
N SER C 58 13.96 11.65 4.96
CA SER C 58 12.64 12.29 5.22
C SER C 58 11.63 11.40 5.87
N ALA C 59 11.56 10.15 5.41
CA ALA C 59 10.52 9.25 5.93
C ALA C 59 10.92 8.90 7.35
N ILE C 60 12.22 8.74 7.59
CA ILE C 60 12.68 8.49 8.98
C ILE C 60 12.35 9.68 9.89
N VAL C 61 12.71 10.88 9.45
CA VAL C 61 12.38 12.09 10.21
C VAL C 61 10.85 12.28 10.47
N ARG C 62 10.06 12.05 9.43
CA ARG C 62 8.61 12.28 9.53
C ARG C 62 8.02 11.23 10.45
N THR C 63 8.46 9.99 10.30
CA THR C 63 7.95 8.94 11.22
C THR C 63 8.28 9.21 12.69
N MET C 64 9.52 9.60 12.97
CA MET C 64 9.96 9.83 14.39
C MET C 64 9.06 10.89 15.07
N GLN C 65 8.81 11.92 14.31
CA GLN C 65 8.09 13.14 14.76
C GLN C 65 6.59 12.88 14.93
N ASN C 66 6.07 11.94 14.13
CA ASN C 66 4.61 11.71 14.05
C ASN C 66 4.15 10.49 14.81
N THR C 67 4.99 9.48 14.95
CA THR C 67 4.55 8.22 15.59
C THR C 67 4.03 8.36 17.06
N ASN C 68 3.19 7.42 17.49
CA ASN C 68 2.74 7.34 18.87
C ASN C 68 3.39 6.15 19.54
N ASP C 69 4.24 5.47 18.79
CA ASP C 69 4.81 4.26 19.30
C ASP C 69 6.22 4.58 19.83
N VAL C 70 6.46 4.25 21.08
CA VAL C 70 7.74 4.51 21.73
C VAL C 70 8.92 3.84 21.01
N GLU C 71 8.69 2.59 20.62
CA GLU C 71 9.71 1.80 19.99
C GLU C 71 9.98 2.37 18.61
N THR C 72 8.94 2.78 17.92
CA THR C 72 9.18 3.39 16.65
C THR C 72 9.98 4.69 16.78
N ALA C 73 9.75 5.41 17.87
CA ALA C 73 10.38 6.72 18.01
C ALA C 73 11.85 6.48 18.33
N ARG C 74 12.07 5.52 19.23
CA ARG C 74 13.39 5.13 19.60
C ARG C 74 14.24 4.70 18.43
N CYS C 75 13.66 3.92 17.51
CA CYS C 75 14.48 3.36 16.43
C CYS C 75 14.77 4.38 15.37
N THR C 76 13.77 5.23 15.05
CA THR C 76 14.02 6.18 13.99
C THR C 76 14.98 7.27 14.60
N ALA C 77 14.79 7.62 15.87
CA ALA C 77 15.68 8.68 16.48
C ALA C 77 17.12 8.09 16.52
N GLY C 78 17.22 6.83 16.97
CA GLY C 78 18.56 6.17 16.97
C GLY C 78 19.19 6.06 15.58
N THR C 79 18.34 5.90 14.53
CA THR C 79 18.86 5.89 13.17
C THR C 79 19.48 7.24 12.83
N LEU C 80 18.74 8.33 13.06
CA LEU C 80 19.29 9.68 12.85
C LEU C 80 20.55 9.86 13.71
N HIS C 81 20.52 9.45 14.99
CA HIS C 81 21.75 9.48 15.80
C HIS C 81 22.92 8.81 15.09
N ASN C 82 22.74 7.59 14.55
CA ASN C 82 23.87 6.96 13.81
C ASN C 82 24.28 7.77 12.60
N LEU C 83 23.32 8.38 11.89
CA LEU C 83 23.70 9.11 10.68
C LEU C 83 24.51 10.35 11.03
N SER C 84 24.28 10.89 12.24
CA SER C 84 24.87 12.19 12.62
C SER C 84 26.35 12.06 13.01
N HIS C 85 26.89 10.83 12.98
CA HIS C 85 28.32 10.58 13.22
C HIS C 85 29.10 10.86 11.96
N HIS C 86 28.40 11.23 10.89
CA HIS C 86 28.97 11.44 9.55
C HIS C 86 28.55 12.82 9.01
N ARG C 87 29.46 13.45 8.26
CA ARG C 87 29.26 14.74 7.68
C ARG C 87 28.06 14.72 6.76
N GLU C 88 28.02 13.71 5.90
CA GLU C 88 26.95 13.55 4.92
C GLU C 88 25.60 13.25 5.61
N GLY C 89 25.66 12.52 6.72
CA GLY C 89 24.47 12.23 7.55
C GLY C 89 23.93 13.53 8.16
N LEU C 90 24.81 14.38 8.68
CA LEU C 90 24.38 15.65 9.30
C LEU C 90 23.65 16.49 8.27
N LEU C 91 24.23 16.53 7.07
CA LEU C 91 23.68 17.31 5.98
C LEU C 91 22.36 16.72 5.51
N ALA C 92 22.31 15.39 5.35
CA ALA C 92 21.05 14.76 4.96
C ALA C 92 19.92 15.07 6.00
N ILE C 93 20.25 15.01 7.30
CA ILE C 93 19.29 15.38 8.36
C ILE C 93 18.88 16.83 8.21
N PHE C 94 19.85 17.72 8.06
CA PHE C 94 19.51 19.17 7.94
C PHE C 94 18.54 19.38 6.73
N LYS C 95 18.91 18.83 5.58
CA LYS C 95 18.14 19.08 4.32
C LYS C 95 16.76 18.43 4.30
N SER C 96 16.56 17.41 5.13
CA SER C 96 15.23 16.82 5.32
C SER C 96 14.29 17.45 6.31
N GLY C 97 14.64 18.59 6.91
CA GLY C 97 13.74 19.09 7.98
C GLY C 97 13.93 18.29 9.27
N GLY C 98 15.05 17.58 9.43
CA GLY C 98 15.22 16.88 10.71
C GLY C 98 15.23 17.80 11.97
N ILE C 99 15.68 19.05 11.82
CA ILE C 99 15.91 19.89 13.02
C ILE C 99 14.67 20.12 13.81
N PRO C 100 13.57 20.61 13.17
CA PRO C 100 12.38 20.89 13.98
C PRO C 100 11.82 19.61 14.61
N ALA C 101 11.92 18.51 13.87
CA ALA C 101 11.49 17.19 14.41
C ALA C 101 12.30 16.79 15.66
N LEU C 102 13.60 16.93 15.59
CA LEU C 102 14.46 16.69 16.75
C LEU C 102 14.18 17.62 17.95
N VAL C 103 13.97 18.91 17.66
CA VAL C 103 13.63 19.83 18.76
C VAL C 103 12.37 19.39 19.40
N LYS C 104 11.41 18.92 18.55
CA LYS C 104 10.17 18.38 19.15
C LYS C 104 10.45 17.14 20.05
N MET C 105 11.34 16.27 19.60
CA MET C 105 11.57 15.03 20.45
C MET C 105 12.22 15.36 21.82
N LEU C 106 12.73 16.62 21.99
CA LEU C 106 13.31 17.05 23.32
C LEU C 106 12.30 16.97 24.42
N GLY C 107 11.02 16.87 24.01
CA GLY C 107 9.92 16.83 24.99
C GLY C 107 9.63 15.36 25.36
N SER C 108 10.35 14.41 24.81
CA SER C 108 9.99 13.01 25.13
C SER C 108 10.33 12.62 26.58
N PRO C 109 9.43 11.88 27.22
CA PRO C 109 9.73 11.37 28.57
C PRO C 109 10.55 10.07 28.50
N VAL C 110 10.86 9.56 27.31
CA VAL C 110 11.59 8.31 27.23
C VAL C 110 13.07 8.58 27.07
N ASP C 111 13.85 8.10 28.02
CA ASP C 111 15.26 8.50 28.07
C ASP C 111 16.03 8.24 26.80
N SER C 112 15.73 7.11 26.17
CA SER C 112 16.56 6.67 25.07
C SER C 112 16.19 7.59 23.91
N VAL C 113 14.94 8.06 23.90
CA VAL C 113 14.53 8.86 22.74
C VAL C 113 15.19 10.24 22.92
N LEU C 114 15.09 10.73 24.14
CA LEU C 114 15.67 11.98 24.47
C LEU C 114 17.18 11.93 24.16
N PHE C 115 17.84 10.89 24.65
CA PHE C 115 19.26 10.67 24.33
C PHE C 115 19.57 10.77 22.85
N TYR C 116 18.85 10.00 22.02
CA TYR C 116 19.12 10.14 20.57
C TYR C 116 18.86 11.52 19.97
N ALA C 117 17.76 12.13 20.42
CA ALA C 117 17.43 13.49 19.86
C ALA C 117 18.45 14.56 20.30
N ILE C 118 18.76 14.65 21.61
CA ILE C 118 19.72 15.76 22.04
C ILE C 118 21.15 15.46 21.50
N THR C 119 21.61 14.21 21.49
CA THR C 119 22.98 14.00 20.92
C THR C 119 23.03 14.32 19.41
N THR C 120 21.99 13.98 18.69
CA THR C 120 22.01 14.28 17.24
C THR C 120 21.97 15.79 17.04
N LEU C 121 21.12 16.44 17.81
CA LEU C 121 21.05 17.94 17.69
C LEU C 121 22.40 18.52 18.15
N HIS C 122 22.97 17.95 19.21
CA HIS C 122 24.31 18.45 19.66
C HIS C 122 25.34 18.27 18.58
N ASN C 123 25.32 17.11 17.87
CA ASN C 123 26.27 16.92 16.73
C ASN C 123 26.01 17.89 15.59
N LEU C 124 24.74 18.21 15.40
CA LEU C 124 24.41 19.16 14.31
C LEU C 124 24.92 20.57 14.74
N LEU C 125 24.72 20.93 15.99
CA LEU C 125 25.17 22.22 16.45
C LEU C 125 26.71 22.39 16.40
N LEU C 126 27.46 21.34 16.71
CA LEU C 126 28.93 21.40 16.71
C LEU C 126 29.48 21.38 15.26
N HIS C 127 28.80 20.73 14.31
CA HIS C 127 29.43 20.43 13.01
C HIS C 127 28.66 20.82 11.76
N GLN C 128 27.38 21.17 11.86
CA GLN C 128 26.68 21.41 10.62
C GLN C 128 26.50 22.90 10.41
N GLU C 129 27.11 23.46 9.36
CA GLU C 129 26.91 24.87 9.06
C GLU C 129 25.44 25.10 8.87
N GLY C 130 24.99 26.19 9.43
CA GLY C 130 23.57 26.53 9.42
C GLY C 130 22.71 25.94 10.54
N ALA C 131 23.20 24.97 11.30
CA ALA C 131 22.33 24.28 12.25
C ALA C 131 21.91 25.19 13.38
N LYS C 132 22.81 26.06 13.82
CA LYS C 132 22.42 26.95 14.93
C LYS C 132 21.18 27.81 14.66
N MET C 133 21.19 28.52 13.53
CA MET C 133 20.07 29.34 13.07
C MET C 133 18.85 28.47 12.87
N ALA C 134 19.03 27.29 12.22
CA ALA C 134 17.87 26.43 12.04
C ALA C 134 17.34 25.97 13.42
N VAL C 135 18.19 25.64 14.41
CA VAL C 135 17.57 25.34 15.75
C VAL C 135 16.85 26.56 16.32
N ARG C 136 17.50 27.74 16.22
CA ARG C 136 16.86 28.98 16.78
C ARG C 136 15.48 29.21 16.19
N LEU C 137 15.37 28.96 14.89
CA LEU C 137 14.15 29.36 14.08
C LEU C 137 13.00 28.44 14.40
N ALA C 138 13.35 27.29 14.96
CA ALA C 138 12.32 26.33 15.43
C ALA C 138 12.09 26.39 16.92
N GLY C 139 12.57 27.47 17.57
CA GLY C 139 12.24 27.62 18.99
C GLY C 139 13.19 26.86 19.91
N GLY C 140 14.28 26.38 19.34
CA GLY C 140 15.11 25.39 20.06
C GLY C 140 15.74 26.08 21.30
N LEU C 141 15.86 27.40 21.30
CA LEU C 141 16.46 28.01 22.49
C LEU C 141 15.53 27.90 23.66
N GLN C 142 14.30 28.30 23.44
CA GLN C 142 13.23 28.07 24.41
C GLN C 142 13.01 26.58 24.78
N LYS C 143 13.01 25.72 23.78
CA LYS C 143 12.77 24.27 24.10
C LYS C 143 13.90 23.69 25.00
N MET C 144 15.09 24.18 24.74
CA MET C 144 16.31 23.73 25.40
C MET C 144 16.29 24.27 26.85
N VAL C 145 15.84 25.51 27.02
CA VAL C 145 15.66 26.07 28.36
C VAL C 145 14.61 25.26 29.10
N ALA C 146 13.52 24.90 28.43
CA ALA C 146 12.48 24.18 29.17
C ALA C 146 13.04 22.77 29.51
N LEU C 147 13.82 22.20 28.61
CA LEU C 147 14.44 20.91 28.89
C LEU C 147 15.38 21.00 30.13
N LEU C 148 16.22 22.06 30.21
CA LEU C 148 17.10 22.26 31.36
C LEU C 148 16.37 22.31 32.65
N ASN C 149 15.20 22.90 32.65
CA ASN C 149 14.42 23.00 33.88
C ASN C 149 13.68 21.74 34.25
N LYS C 150 13.65 20.80 33.36
CA LYS C 150 12.90 19.56 33.76
C LYS C 150 13.70 18.24 33.72
N THR C 151 14.76 18.15 32.92
CA THR C 151 15.41 16.88 32.66
C THR C 151 16.23 16.40 33.88
N ASN C 152 16.62 15.12 33.90
CA ASN C 152 17.33 14.66 35.13
C ASN C 152 18.86 14.87 34.91
N VAL C 153 19.66 14.49 35.91
CA VAL C 153 21.09 14.89 35.98
C VAL C 153 21.85 14.37 34.81
N LYS C 154 21.45 13.24 34.20
CA LYS C 154 22.25 12.72 33.09
C LYS C 154 22.30 13.65 31.89
N PHE C 155 21.29 14.49 31.72
CA PHE C 155 21.25 15.29 30.53
C PHE C 155 21.64 16.72 30.75
N LEU C 156 21.99 17.06 31.98
CA LEU C 156 22.20 18.51 32.28
C LEU C 156 23.31 19.10 31.48
N ALA C 157 24.41 18.38 31.42
CA ALA C 157 25.64 18.85 30.76
C ALA C 157 25.46 19.10 29.24
N ILE C 158 24.87 18.14 28.54
CA ILE C 158 24.79 18.21 27.08
C ILE C 158 23.71 19.33 26.69
N THR C 159 22.68 19.43 27.51
CA THR C 159 21.69 20.46 27.41
C THR C 159 22.31 21.84 27.65
N THR C 160 23.09 21.99 28.69
CA THR C 160 23.84 23.22 28.92
C THR C 160 24.73 23.55 27.74
N ASP C 161 25.44 22.55 27.22
CA ASP C 161 26.38 22.81 26.14
C ASP C 161 25.58 23.24 24.89
N CYS C 162 24.47 22.57 24.57
CA CYS C 162 23.63 23.09 23.42
C CYS C 162 23.21 24.56 23.61
N LEU C 163 22.72 24.90 24.80
CA LEU C 163 22.31 26.28 25.07
C LEU C 163 23.44 27.28 24.95
N GLN C 164 24.64 26.89 25.37
CA GLN C 164 25.78 27.82 25.20
C GLN C 164 26.17 28.02 23.76
N ILE C 165 25.95 27.01 22.89
CA ILE C 165 26.20 27.22 21.46
C ILE C 165 25.04 28.10 20.91
N LEU C 166 23.81 27.79 21.27
CA LEU C 166 22.68 28.47 20.74
C LEU C 166 22.62 29.95 21.08
N ALA C 167 23.00 30.30 22.31
CA ALA C 167 22.84 31.70 22.73
C ALA C 167 23.88 32.60 22.04
N SER D 11 -10.95 -4.05 6.47
CA SER D 11 -10.16 -4.85 7.44
C SER D 11 -9.72 -6.20 6.89
N GLN D 12 -10.50 -6.75 5.95
CA GLN D 12 -10.07 -7.93 5.16
C GLN D 12 -9.02 -7.52 4.12
N GLU D 13 -9.29 -6.40 3.44
CA GLU D 13 -8.33 -5.75 2.56
C GLU D 13 -7.10 -5.23 3.35
N GLN D 14 -7.35 -4.69 4.55
CA GLN D 14 -6.29 -4.23 5.46
C GLN D 14 -5.33 -5.33 5.91
N LEU D 15 -5.86 -6.49 6.28
CA LEU D 15 -5.04 -7.58 6.85
C LEU D 15 -4.16 -8.21 5.81
N GLU D 16 -4.64 -8.16 4.56
CA GLU D 16 -3.88 -8.63 3.42
C GLU D 16 -2.83 -7.60 3.02
N HIS D 17 -3.14 -6.31 3.19
CA HIS D 17 -2.09 -5.30 3.00
C HIS D 17 -1.02 -5.48 4.08
N ARG D 18 -1.47 -5.69 5.31
CA ARG D 18 -0.56 -5.91 6.42
C ARG D 18 0.31 -7.16 6.20
N GLU D 19 -0.38 -8.28 5.92
CA GLU D 19 0.27 -9.59 5.75
C GLU D 19 1.26 -9.50 4.64
N ARG D 20 0.87 -8.77 3.59
CA ARG D 20 1.68 -8.55 2.39
C ARG D 20 2.86 -7.63 2.64
N SER D 21 2.65 -6.58 3.47
CA SER D 21 3.71 -5.62 3.81
C SER D 21 4.68 -6.39 4.67
N LEU D 22 4.13 -7.13 5.62
CA LEU D 22 4.98 -7.97 6.43
C LEU D 22 5.78 -8.95 5.58
N GLN D 23 5.18 -9.52 4.55
CA GLN D 23 5.95 -10.46 3.75
C GLN D 23 6.98 -9.75 2.89
N THR D 24 6.64 -8.56 2.39
CA THR D 24 7.69 -7.77 1.73
C THR D 24 8.84 -7.47 2.72
N LEU D 25 8.53 -7.19 3.99
CA LEU D 25 9.59 -6.96 5.00
C LEU D 25 10.40 -8.22 5.19
N ARG D 26 9.72 -9.37 5.21
CA ARG D 26 10.44 -10.64 5.41
C ARG D 26 11.33 -10.98 4.22
N ASP D 27 10.83 -10.75 3.01
CA ASP D 27 11.70 -10.87 1.84
C ASP D 27 12.94 -9.97 2.08
N ILE D 28 12.71 -8.68 2.35
CA ILE D 28 13.80 -7.72 2.58
C ILE D 28 14.72 -8.18 3.68
N GLN D 29 14.22 -8.63 4.82
CA GLN D 29 15.18 -9.16 5.77
C GLN D 29 15.95 -10.40 5.21
N ARG D 30 15.23 -11.29 4.49
CA ARG D 30 15.89 -12.47 3.89
C ARG D 30 17.08 -12.00 3.06
N MET D 31 16.86 -10.98 2.24
CA MET D 31 17.90 -10.37 1.42
C MET D 31 19.10 -9.78 2.23
N LEU D 32 18.80 -8.97 3.24
CA LEU D 32 19.81 -8.16 3.93
C LEU D 32 20.57 -8.86 5.04
N PHE D 33 19.88 -9.75 5.76
CA PHE D 33 20.47 -10.41 6.92
C PHE D 33 20.32 -11.94 6.84
N ASN E 3 -2.73 -21.33 -43.29
CA ASN E 3 -2.23 -20.12 -42.55
C ASN E 3 -3.08 -19.63 -41.33
N TYR E 4 -4.26 -20.22 -41.05
CA TYR E 4 -4.88 -20.10 -39.71
C TYR E 4 -3.85 -20.47 -38.65
N GLN E 5 -3.31 -21.69 -38.78
CA GLN E 5 -2.29 -22.25 -37.92
C GLN E 5 -1.15 -21.28 -37.59
N ASP E 6 -0.51 -20.71 -38.63
CA ASP E 6 0.70 -19.90 -38.43
C ASP E 6 0.40 -18.51 -37.89
N ASP E 7 -0.80 -18.02 -38.19
CA ASP E 7 -1.20 -16.73 -37.71
C ASP E 7 -1.42 -16.86 -36.23
N ALA E 8 -2.08 -17.94 -35.82
CA ALA E 8 -2.32 -18.18 -34.40
C ALA E 8 -1.00 -18.30 -33.64
N GLU E 9 0.01 -18.92 -34.25
CA GLU E 9 1.29 -19.16 -33.56
C GLU E 9 2.05 -17.89 -33.39
N LEU E 10 2.11 -17.09 -34.45
CA LEU E 10 2.68 -15.76 -34.41
C LEU E 10 2.02 -14.90 -33.36
N ALA E 11 0.69 -14.93 -33.33
CA ALA E 11 -0.06 -14.13 -32.34
C ALA E 11 0.33 -14.70 -30.99
N THR E 12 0.32 -16.02 -30.89
CA THR E 12 0.65 -16.62 -29.61
C THR E 12 2.04 -16.19 -29.17
N ARG E 13 2.98 -16.07 -30.09
CA ARG E 13 4.33 -15.67 -29.68
C ARG E 13 4.41 -14.21 -29.28
N ALA E 14 3.54 -13.37 -29.82
CA ALA E 14 3.65 -11.91 -29.52
C ALA E 14 2.95 -11.63 -28.22
N ILE E 15 2.02 -12.50 -27.83
CA ILE E 15 1.14 -12.12 -26.68
C ILE E 15 1.85 -11.76 -25.32
N PRO E 16 2.94 -12.49 -24.94
CA PRO E 16 3.52 -12.20 -23.61
C PRO E 16 4.06 -10.80 -23.57
N GLU E 17 4.74 -10.36 -24.63
CA GLU E 17 5.27 -9.04 -24.70
C GLU E 17 4.08 -7.97 -24.77
N LEU E 18 3.05 -8.22 -25.57
CA LEU E 18 1.91 -7.30 -25.63
C LEU E 18 1.27 -7.17 -24.24
N THR E 19 1.16 -8.32 -23.57
CA THR E 19 0.59 -8.38 -22.23
C THR E 19 1.39 -7.48 -21.26
N LYS E 20 2.72 -7.68 -21.22
CA LYS E 20 3.64 -6.82 -20.45
C LYS E 20 3.46 -5.34 -20.79
N LEU E 21 3.42 -5.00 -22.08
CA LEU E 21 3.27 -3.58 -22.45
C LEU E 21 1.87 -3.01 -22.10
N LEU E 22 0.88 -3.84 -22.26
CA LEU E 22 -0.47 -3.49 -21.81
C LEU E 22 -0.47 -3.25 -20.30
N ASN E 23 0.42 -3.90 -19.55
CA ASN E 23 0.40 -3.73 -18.07
C ASN E 23 1.32 -2.61 -17.62
N ASP E 24 1.89 -1.89 -18.58
CA ASP E 24 2.91 -0.86 -18.34
C ASP E 24 2.36 0.34 -17.52
N GLU E 25 3.23 1.05 -16.80
CA GLU E 25 2.77 2.19 -16.02
C GLU E 25 2.69 3.43 -16.92
N ASP E 26 3.37 3.41 -18.07
CA ASP E 26 3.32 4.54 -19.01
C ASP E 26 2.12 4.48 -19.97
N GLN E 27 1.17 5.40 -19.82
CA GLN E 27 -0.15 5.24 -20.48
C GLN E 27 -0.09 5.46 -21.99
N VAL E 28 0.95 6.13 -22.49
CA VAL E 28 1.16 6.19 -23.95
C VAL E 28 1.57 4.80 -24.50
N VAL E 29 2.30 4.02 -23.70
CA VAL E 29 2.67 2.64 -24.14
C VAL E 29 1.43 1.70 -24.15
N VAL E 30 0.69 1.78 -23.06
CA VAL E 30 -0.56 1.07 -22.85
C VAL E 30 -1.41 1.32 -24.04
N ASN E 31 -1.60 2.60 -24.35
CA ASN E 31 -2.48 2.94 -25.46
C ASN E 31 -2.15 2.22 -26.76
N LYS E 32 -0.89 2.26 -27.16
CA LYS E 32 -0.51 1.60 -28.46
C LYS E 32 -0.57 0.08 -28.30
N ALA E 33 -0.29 -0.43 -27.10
CA ALA E 33 -0.45 -1.86 -26.90
C ALA E 33 -1.92 -2.19 -27.12
N ALA E 34 -2.80 -1.36 -26.56
CA ALA E 34 -4.25 -1.63 -26.66
C ALA E 34 -4.81 -1.61 -28.09
N VAL E 35 -4.37 -0.62 -28.83
CA VAL E 35 -4.75 -0.55 -30.23
C VAL E 35 -4.25 -1.80 -30.94
N MET E 36 -3.03 -2.21 -30.63
CA MET E 36 -2.47 -3.42 -31.28
C MET E 36 -3.27 -4.67 -30.93
N VAL E 37 -3.56 -4.80 -29.63
CA VAL E 37 -4.36 -5.98 -29.24
C VAL E 37 -5.72 -5.95 -29.90
N HIS E 38 -6.34 -4.76 -29.99
CA HIS E 38 -7.72 -4.70 -30.62
C HIS E 38 -7.70 -5.18 -32.08
N GLN E 39 -6.70 -4.68 -32.79
CA GLN E 39 -6.46 -5.07 -34.19
C GLN E 39 -6.24 -6.60 -34.28
N LEU E 40 -5.43 -7.19 -33.39
CA LEU E 40 -5.37 -8.65 -33.37
C LEU E 40 -6.74 -9.29 -33.12
N SER E 41 -7.58 -8.69 -32.29
CA SER E 41 -8.82 -9.37 -32.07
C SER E 41 -9.73 -9.37 -33.32
N LYS E 42 -9.36 -8.64 -34.35
CA LYS E 42 -10.17 -8.58 -35.56
C LYS E 42 -10.03 -9.81 -36.46
N LYS E 43 -8.91 -10.53 -36.36
CA LYS E 43 -8.72 -11.73 -37.21
C LYS E 43 -8.96 -12.97 -36.40
N GLU E 44 -9.71 -13.92 -36.94
CA GLU E 44 -10.10 -15.10 -36.17
C GLU E 44 -8.91 -15.86 -35.52
N ALA E 45 -7.81 -16.01 -36.23
CA ALA E 45 -6.77 -16.90 -35.75
C ALA E 45 -6.06 -16.24 -34.55
N SER E 46 -5.73 -14.97 -34.70
CA SER E 46 -5.09 -14.23 -33.69
C SER E 46 -6.08 -13.99 -32.53
N ARG E 47 -7.39 -13.98 -32.83
CA ARG E 47 -8.39 -13.75 -31.79
C ARG E 47 -8.43 -14.96 -30.86
N HIS E 48 -8.28 -16.15 -31.43
CA HIS E 48 -8.28 -17.37 -30.63
C HIS E 48 -7.02 -17.44 -29.77
N ALA E 49 -5.91 -16.88 -30.24
CA ALA E 49 -4.72 -16.81 -29.41
C ALA E 49 -4.93 -15.92 -28.17
N ILE E 50 -5.61 -14.79 -28.32
CA ILE E 50 -5.87 -13.89 -27.19
C ILE E 50 -6.73 -14.63 -26.20
N MET E 51 -7.75 -15.31 -26.71
CA MET E 51 -8.72 -15.87 -25.79
C MET E 51 -8.14 -17.06 -25.06
N ARG E 52 -7.05 -17.62 -25.59
CA ARG E 52 -6.42 -18.75 -24.86
C ARG E 52 -5.38 -18.28 -23.87
N SER E 53 -5.22 -16.96 -23.73
CA SER E 53 -4.20 -16.41 -22.83
C SER E 53 -4.77 -15.65 -21.66
N PRO E 54 -4.89 -16.33 -20.48
CA PRO E 54 -5.60 -15.73 -19.36
C PRO E 54 -4.93 -14.48 -18.96
N GLN E 55 -3.61 -14.42 -19.09
CA GLN E 55 -2.87 -13.22 -18.78
C GLN E 55 -3.22 -11.97 -19.63
N MET E 56 -3.34 -12.19 -20.93
CA MET E 56 -3.74 -11.14 -21.88
C MET E 56 -5.19 -10.71 -21.54
N VAL E 57 -6.09 -11.68 -21.48
CA VAL E 57 -7.49 -11.38 -21.18
C VAL E 57 -7.57 -10.53 -19.91
N SER E 58 -6.84 -10.94 -18.90
CA SER E 58 -6.91 -10.27 -17.63
C SER E 58 -6.24 -8.90 -17.67
N ALA E 59 -5.20 -8.75 -18.51
CA ALA E 59 -4.65 -7.40 -18.72
C ALA E 59 -5.62 -6.41 -19.48
N ILE E 60 -6.30 -6.88 -20.51
CA ILE E 60 -7.36 -6.14 -21.21
C ILE E 60 -8.45 -5.65 -20.19
N VAL E 61 -8.98 -6.58 -19.38
CA VAL E 61 -10.01 -6.29 -18.42
C VAL E 61 -9.56 -5.24 -17.41
N ARG E 62 -8.34 -5.36 -16.90
CA ARG E 62 -7.82 -4.42 -15.93
C ARG E 62 -7.55 -3.02 -16.56
N THR E 63 -7.04 -3.03 -17.75
CA THR E 63 -6.73 -1.80 -18.39
C THR E 63 -8.04 -1.04 -18.76
N MET E 64 -9.07 -1.76 -19.19
CA MET E 64 -10.39 -1.15 -19.52
C MET E 64 -10.96 -0.29 -18.40
N GLN E 65 -10.96 -0.83 -17.19
CA GLN E 65 -11.43 -0.23 -15.97
C GLN E 65 -10.51 0.88 -15.39
N ASN E 66 -9.20 0.82 -15.63
CA ASN E 66 -8.29 1.70 -14.85
C ASN E 66 -7.61 2.73 -15.72
N THR E 67 -7.79 2.63 -17.04
CA THR E 67 -7.22 3.66 -17.95
C THR E 67 -8.04 4.98 -17.92
N ASN E 68 -7.33 6.10 -18.08
CA ASN E 68 -7.88 7.46 -18.12
C ASN E 68 -7.98 7.88 -19.57
N ASP E 69 -7.51 7.01 -20.46
CA ASP E 69 -7.51 7.34 -21.89
C ASP E 69 -8.73 6.75 -22.57
N VAL E 70 -9.49 7.57 -23.31
CA VAL E 70 -10.71 7.14 -24.02
C VAL E 70 -10.51 6.10 -25.12
N GLU E 71 -9.66 6.39 -26.08
CA GLU E 71 -9.29 5.42 -27.10
C GLU E 71 -8.85 4.05 -26.49
N THR E 72 -8.03 4.11 -25.45
CA THR E 72 -7.65 2.88 -24.72
C THR E 72 -8.86 2.12 -24.12
N ALA E 73 -9.79 2.86 -23.53
CA ALA E 73 -10.99 2.19 -22.94
C ALA E 73 -11.86 1.59 -24.05
N ARG E 74 -11.92 2.29 -25.16
CA ARG E 74 -12.68 1.84 -26.28
C ARG E 74 -12.08 0.60 -26.95
N CYS E 75 -10.77 0.61 -27.16
CA CYS E 75 -10.07 -0.56 -27.77
C CYS E 75 -10.06 -1.81 -26.91
N THR E 76 -9.81 -1.63 -25.60
CA THR E 76 -9.95 -2.77 -24.69
C THR E 76 -11.37 -3.27 -24.60
N ALA E 77 -12.38 -2.38 -24.48
CA ALA E 77 -13.77 -2.84 -24.44
C ALA E 77 -14.17 -3.58 -25.77
N GLY E 78 -13.75 -3.01 -26.89
CA GLY E 78 -14.00 -3.55 -28.24
C GLY E 78 -13.35 -4.92 -28.48
N THR E 79 -12.16 -5.10 -27.91
CA THR E 79 -11.52 -6.43 -27.91
C THR E 79 -12.39 -7.42 -27.13
N LEU E 80 -12.84 -7.08 -25.91
CA LEU E 80 -13.70 -8.05 -25.19
C LEU E 80 -14.98 -8.36 -26.07
N HIS E 81 -15.50 -7.34 -26.73
CA HIS E 81 -16.76 -7.46 -27.43
C HIS E 81 -16.48 -8.44 -28.62
N ASN E 82 -15.32 -8.31 -29.28
CA ASN E 82 -14.91 -9.32 -30.32
C ASN E 82 -14.73 -10.74 -29.77
N LEU E 83 -14.15 -10.86 -28.58
CA LEU E 83 -14.07 -12.22 -28.00
C LEU E 83 -15.43 -12.78 -27.70
N SER E 84 -16.40 -11.89 -27.40
CA SER E 84 -17.67 -12.37 -26.95
C SER E 84 -18.47 -12.98 -28.09
N HIS E 85 -17.98 -12.92 -29.31
CA HIS E 85 -18.69 -13.58 -30.40
C HIS E 85 -18.42 -15.10 -30.43
N HIS E 86 -17.58 -15.61 -29.53
CA HIS E 86 -17.30 -17.05 -29.56
C HIS E 86 -17.50 -17.67 -28.21
N ARG E 87 -17.92 -18.94 -28.18
CA ARG E 87 -18.17 -19.65 -26.92
C ARG E 87 -16.94 -19.59 -26.07
N GLU E 88 -15.79 -19.64 -26.70
CA GLU E 88 -14.58 -19.72 -25.95
C GLU E 88 -14.13 -18.33 -25.48
N GLY E 89 -14.44 -17.31 -26.26
CA GLY E 89 -14.19 -15.91 -25.78
C GLY E 89 -15.05 -15.56 -24.58
N LEU E 90 -16.31 -15.94 -24.66
CA LEU E 90 -17.21 -15.77 -23.49
C LEU E 90 -16.68 -16.40 -22.23
N LEU E 91 -16.21 -17.67 -22.33
CA LEU E 91 -15.71 -18.38 -21.14
C LEU E 91 -14.50 -17.68 -20.63
N ALA E 92 -13.63 -17.25 -21.55
CA ALA E 92 -12.43 -16.53 -21.15
C ALA E 92 -12.78 -15.22 -20.44
N ILE E 93 -13.77 -14.49 -20.97
CA ILE E 93 -14.11 -13.24 -20.30
C ILE E 93 -14.61 -13.57 -18.89
N PHE E 94 -15.53 -14.51 -18.81
CA PHE E 94 -16.10 -14.97 -17.54
C PHE E 94 -14.97 -15.35 -16.54
N LYS E 95 -14.07 -16.27 -16.95
CA LYS E 95 -13.01 -16.72 -15.99
C LYS E 95 -12.01 -15.65 -15.60
N SER E 96 -11.92 -14.57 -16.36
CA SER E 96 -10.98 -13.49 -15.97
C SER E 96 -11.53 -12.34 -15.13
N GLY E 97 -12.74 -12.46 -14.59
CA GLY E 97 -13.34 -11.28 -13.84
C GLY E 97 -13.87 -10.21 -14.85
N GLY E 98 -14.05 -10.59 -16.09
CA GLY E 98 -14.64 -9.69 -17.08
C GLY E 98 -15.99 -9.14 -16.65
N ILE E 99 -16.81 -9.97 -15.97
CA ILE E 99 -18.19 -9.56 -15.62
C ILE E 99 -18.24 -8.32 -14.74
N PRO E 100 -17.59 -8.36 -13.56
CA PRO E 100 -17.70 -7.14 -12.76
C PRO E 100 -17.13 -5.95 -13.47
N ALA E 101 -16.03 -6.15 -14.18
CA ALA E 101 -15.41 -5.09 -14.93
C ALA E 101 -16.38 -4.43 -15.92
N LEU E 102 -17.08 -5.27 -16.65
CA LEU E 102 -18.03 -4.78 -17.65
C LEU E 102 -19.22 -4.07 -17.06
N VAL E 103 -19.76 -4.65 -15.99
CA VAL E 103 -20.83 -3.99 -15.29
C VAL E 103 -20.38 -2.55 -14.87
N LYS E 104 -19.11 -2.32 -14.45
CA LYS E 104 -18.65 -0.96 -14.19
C LYS E 104 -18.62 -0.15 -15.45
N MET E 105 -18.26 -0.77 -16.57
CA MET E 105 -18.20 0.06 -17.78
C MET E 105 -19.60 0.58 -18.23
N LEU E 106 -20.68 0.07 -17.65
CA LEU E 106 -22.02 0.56 -18.00
C LEU E 106 -22.18 2.02 -17.53
N GLY E 107 -21.35 2.44 -16.59
CA GLY E 107 -21.33 3.83 -16.21
C GLY E 107 -20.51 4.70 -17.11
N SER E 108 -20.01 4.21 -18.26
CA SER E 108 -19.12 5.09 -19.03
C SER E 108 -19.88 6.26 -19.69
N PRO E 109 -19.27 7.44 -19.76
CA PRO E 109 -19.84 8.60 -20.53
C PRO E 109 -19.54 8.50 -22.03
N VAL E 110 -18.78 7.51 -22.48
CA VAL E 110 -18.45 7.45 -23.89
C VAL E 110 -19.36 6.40 -24.52
N ASP E 111 -20.07 6.79 -25.59
CA ASP E 111 -21.08 5.91 -26.24
C ASP E 111 -20.49 4.62 -26.75
N SER E 112 -19.28 4.68 -27.35
CA SER E 112 -18.71 3.54 -27.97
C SER E 112 -18.23 2.56 -26.85
N VAL E 113 -17.65 3.05 -25.76
CA VAL E 113 -17.32 2.16 -24.64
C VAL E 113 -18.56 1.47 -24.14
N LEU E 114 -19.61 2.27 -23.93
CA LEU E 114 -20.86 1.71 -23.43
C LEU E 114 -21.44 0.63 -24.42
N PHE E 115 -21.42 0.96 -25.73
CA PHE E 115 -21.83 0.03 -26.74
C PHE E 115 -21.05 -1.34 -26.55
N TYR E 116 -19.72 -1.25 -26.47
CA TYR E 116 -18.97 -2.53 -26.39
C TYR E 116 -19.34 -3.27 -25.07
N ALA E 117 -19.43 -2.53 -23.97
CA ALA E 117 -19.83 -3.16 -22.66
C ALA E 117 -21.21 -3.76 -22.58
N ILE E 118 -22.25 -3.05 -22.97
CA ILE E 118 -23.58 -3.65 -22.81
C ILE E 118 -23.77 -4.79 -23.85
N THR E 119 -23.16 -4.70 -25.03
CA THR E 119 -23.39 -5.84 -25.97
C THR E 119 -22.62 -7.08 -25.46
N THR E 120 -21.44 -6.90 -24.91
CA THR E 120 -20.64 -8.06 -24.42
C THR E 120 -21.41 -8.67 -23.26
N LEU E 121 -21.94 -7.83 -22.38
CA LEU E 121 -22.75 -8.38 -21.26
C LEU E 121 -23.96 -9.07 -21.77
N HIS E 122 -24.54 -8.53 -22.86
CA HIS E 122 -25.78 -9.11 -23.36
C HIS E 122 -25.48 -10.46 -24.00
N ASN E 123 -24.37 -10.53 -24.76
CA ASN E 123 -23.85 -11.84 -25.26
C ASN E 123 -23.62 -12.85 -24.14
N LEU E 124 -23.00 -12.42 -23.05
CA LEU E 124 -22.80 -13.30 -21.88
C LEU E 124 -24.14 -13.77 -21.30
N LEU E 125 -25.06 -12.83 -21.12
CA LEU E 125 -26.37 -13.15 -20.52
C LEU E 125 -27.11 -14.15 -21.44
N LEU E 126 -26.97 -14.01 -22.75
CA LEU E 126 -27.66 -14.90 -23.64
C LEU E 126 -26.97 -16.29 -23.76
N HIS E 127 -25.65 -16.39 -23.68
CA HIS E 127 -25.01 -17.60 -24.19
C HIS E 127 -24.02 -18.25 -23.22
N GLN E 128 -23.76 -17.59 -22.10
CA GLN E 128 -22.82 -18.13 -21.14
C GLN E 128 -23.50 -18.62 -19.87
N GLU E 129 -23.43 -19.93 -19.60
CA GLU E 129 -24.08 -20.52 -18.42
C GLU E 129 -23.41 -19.94 -17.23
N GLY E 130 -24.17 -19.63 -16.19
CA GLY E 130 -23.57 -18.95 -15.02
C GLY E 130 -23.48 -17.43 -15.09
N ALA E 131 -23.64 -16.80 -16.25
CA ALA E 131 -23.34 -15.28 -16.31
C ALA E 131 -24.45 -14.51 -15.64
N LYS E 132 -25.63 -15.09 -15.67
CA LYS E 132 -26.79 -14.37 -15.07
C LYS E 132 -26.57 -14.10 -13.61
N MET E 133 -26.23 -15.16 -12.91
CA MET E 133 -25.95 -15.11 -11.50
C MET E 133 -24.75 -14.23 -11.27
N ALA E 134 -23.66 -14.37 -12.07
CA ALA E 134 -22.47 -13.53 -11.79
C ALA E 134 -22.78 -12.01 -12.15
N VAL E 135 -23.55 -11.79 -13.18
CA VAL E 135 -24.01 -10.39 -13.39
C VAL E 135 -24.82 -9.90 -12.19
N ARG E 136 -25.82 -10.67 -11.76
CA ARG E 136 -26.52 -10.29 -10.49
C ARG E 136 -25.59 -9.92 -9.34
N LEU E 137 -24.60 -10.78 -9.08
CA LEU E 137 -23.72 -10.61 -7.90
C LEU E 137 -22.75 -9.53 -8.10
N ALA E 138 -22.43 -9.25 -9.36
CA ALA E 138 -21.61 -8.07 -9.58
C ALA E 138 -22.41 -6.71 -9.44
N GLY E 139 -23.69 -6.76 -9.11
CA GLY E 139 -24.48 -5.49 -9.00
C GLY E 139 -25.05 -5.07 -10.38
N GLY E 140 -25.30 -6.03 -11.26
CA GLY E 140 -25.74 -5.71 -12.57
C GLY E 140 -27.17 -5.18 -12.60
N LEU E 141 -28.01 -5.60 -11.66
CA LEU E 141 -29.38 -5.17 -11.69
C LEU E 141 -29.48 -3.68 -11.42
N GLN E 142 -28.84 -3.25 -10.37
CA GLN E 142 -28.92 -1.87 -9.98
C GLN E 142 -28.22 -1.01 -11.02
N LYS E 143 -27.06 -1.46 -11.49
CA LYS E 143 -26.31 -0.71 -12.53
C LYS E 143 -27.11 -0.57 -13.85
N MET E 144 -27.84 -1.62 -14.24
CA MET E 144 -28.61 -1.58 -15.41
C MET E 144 -29.88 -0.69 -15.24
N VAL E 145 -30.48 -0.69 -14.05
CA VAL E 145 -31.56 0.27 -13.70
C VAL E 145 -31.08 1.70 -13.80
N ALA E 146 -29.90 1.95 -13.30
CA ALA E 146 -29.40 3.33 -13.38
C ALA E 146 -29.06 3.66 -14.84
N LEU E 147 -28.53 2.70 -15.60
CA LEU E 147 -28.29 2.98 -16.96
C LEU E 147 -29.63 3.34 -17.68
N LEU E 148 -30.66 2.51 -17.46
CA LEU E 148 -31.95 2.73 -18.06
C LEU E 148 -32.45 4.15 -17.79
N ASN E 149 -32.13 4.72 -16.65
CA ASN E 149 -32.53 6.08 -16.29
C ASN E 149 -31.74 7.17 -16.92
N LYS E 150 -30.60 6.85 -17.48
CA LYS E 150 -29.75 7.92 -17.93
C LYS E 150 -29.42 7.83 -19.42
N THR E 151 -29.52 6.64 -20.01
CA THR E 151 -28.82 6.48 -21.27
C THR E 151 -29.71 7.11 -22.35
N ASN E 152 -29.21 7.29 -23.55
CA ASN E 152 -30.06 7.84 -24.61
C ASN E 152 -30.75 6.71 -25.41
N VAL E 153 -31.49 7.11 -26.40
CA VAL E 153 -32.54 6.28 -26.87
C VAL E 153 -31.87 5.08 -27.56
N LYS E 154 -30.65 5.17 -27.97
CA LYS E 154 -30.14 4.01 -28.70
C LYS E 154 -29.80 2.73 -27.89
N PHE E 155 -29.82 2.82 -26.57
CA PHE E 155 -29.40 1.74 -25.70
C PHE E 155 -30.57 1.35 -24.93
N LEU E 156 -31.72 2.02 -25.13
CA LEU E 156 -32.86 1.66 -24.28
C LEU E 156 -33.26 0.21 -24.45
N ALA E 157 -33.35 -0.24 -25.68
CA ALA E 157 -33.87 -1.60 -26.01
C ALA E 157 -32.93 -2.73 -25.43
N ILE E 158 -31.62 -2.55 -25.56
CA ILE E 158 -30.70 -3.64 -25.18
C ILE E 158 -30.56 -3.64 -23.64
N THR E 159 -30.68 -2.45 -23.05
CA THR E 159 -30.65 -2.36 -21.64
C THR E 159 -31.87 -3.04 -21.06
N THR E 160 -33.03 -2.75 -21.64
CA THR E 160 -34.30 -3.34 -21.17
C THR E 160 -34.21 -4.88 -21.29
N ASP E 161 -33.74 -5.36 -22.45
CA ASP E 161 -33.59 -6.78 -22.62
C ASP E 161 -32.59 -7.41 -21.56
N CYS E 162 -31.42 -6.79 -21.28
CA CYS E 162 -30.58 -7.27 -20.17
C CYS E 162 -31.31 -7.32 -18.83
N LEU E 163 -32.04 -6.27 -18.46
CA LEU E 163 -32.89 -6.29 -17.25
C LEU E 163 -33.96 -7.39 -17.22
N GLN E 164 -34.63 -7.63 -18.35
CA GLN E 164 -35.60 -8.71 -18.37
C GLN E 164 -34.95 -10.10 -18.23
N ILE E 165 -33.70 -10.30 -18.70
CA ILE E 165 -33.00 -11.58 -18.48
C ILE E 165 -32.65 -11.74 -17.00
N LEU E 166 -32.21 -10.67 -16.35
CA LEU E 166 -31.75 -10.66 -15.00
C LEU E 166 -32.76 -10.61 -13.86
N ALA E 167 -33.94 -10.00 -14.05
CA ALA E 167 -34.79 -9.82 -12.90
C ALA E 167 -35.71 -11.06 -12.69
N ASP F 8 5.26 16.20 -23.06
CA ASP F 8 6.71 16.40 -23.39
C ASP F 8 7.60 16.24 -22.15
N GLY F 9 6.99 16.31 -20.97
CA GLY F 9 7.72 16.33 -19.70
C GLY F 9 7.76 15.04 -18.87
N LEU F 10 8.71 14.17 -19.18
CA LEU F 10 8.99 12.97 -18.39
C LEU F 10 10.47 12.93 -17.99
N SER F 11 10.84 12.00 -17.10
CA SER F 11 12.23 11.76 -16.72
C SER F 11 13.03 11.27 -17.91
N GLN F 12 14.34 11.16 -17.74
CA GLN F 12 15.17 10.59 -18.79
C GLN F 12 15.14 9.05 -18.74
N GLU F 13 14.98 8.52 -17.52
CA GLU F 13 14.83 7.08 -17.28
C GLU F 13 13.46 6.62 -17.80
N GLN F 14 12.44 7.42 -17.50
CA GLN F 14 11.11 7.28 -18.09
C GLN F 14 11.14 7.37 -19.61
N LEU F 15 11.74 8.44 -20.14
CA LEU F 15 11.78 8.66 -21.58
C LEU F 15 12.44 7.49 -22.34
N GLU F 16 13.41 6.82 -21.71
CA GLU F 16 14.10 5.71 -22.35
C GLU F 16 13.13 4.55 -22.53
N HIS F 17 12.49 4.18 -21.43
CA HIS F 17 11.42 3.20 -21.43
C HIS F 17 10.44 3.41 -22.60
N ARG F 18 9.93 4.63 -22.72
CA ARG F 18 8.84 4.91 -23.63
C ARG F 18 9.31 4.61 -25.04
N GLU F 19 10.48 5.13 -25.37
CA GLU F 19 10.99 4.98 -26.74
C GLU F 19 11.29 3.53 -27.01
N ARG F 20 11.90 2.88 -26.02
CA ARG F 20 12.23 1.44 -26.11
C ARG F 20 10.94 0.62 -26.36
N SER F 21 9.94 0.96 -25.55
CA SER F 21 8.70 0.24 -25.52
C SER F 21 8.02 0.40 -26.84
N LEU F 22 8.09 1.61 -27.42
CA LEU F 22 7.38 1.91 -28.67
C LEU F 22 8.02 1.28 -29.92
N GLN F 23 9.36 1.18 -29.92
CA GLN F 23 10.08 0.42 -30.99
C GLN F 23 9.67 -1.05 -30.94
N THR F 24 9.70 -1.64 -29.74
CA THR F 24 9.18 -3.01 -29.64
C THR F 24 7.79 -3.12 -30.28
N LEU F 25 6.91 -2.20 -29.90
CA LEU F 25 5.51 -2.25 -30.43
C LEU F 25 5.57 -2.14 -31.94
N ARG F 26 6.38 -1.19 -32.40
CA ARG F 26 6.53 -1.00 -33.86
C ARG F 26 7.16 -2.25 -34.50
N ASP F 27 8.13 -2.86 -33.80
CA ASP F 27 8.72 -4.14 -34.30
C ASP F 27 7.65 -5.18 -34.39
N ILE F 28 6.81 -5.26 -33.33
CA ILE F 28 5.76 -6.25 -33.37
C ILE F 28 4.81 -5.99 -34.52
N GLN F 29 4.50 -4.70 -34.70
CA GLN F 29 3.53 -4.32 -35.73
C GLN F 29 4.03 -4.71 -37.11
N ARG F 30 5.27 -4.33 -37.39
CA ARG F 30 5.88 -4.76 -38.66
C ARG F 30 5.79 -6.28 -38.85
N MET F 31 6.01 -7.06 -37.79
CA MET F 31 6.12 -8.50 -38.02
C MET F 31 4.73 -9.09 -38.06
N LEU F 32 3.80 -8.54 -37.27
CA LEU F 32 2.42 -9.06 -37.36
C LEU F 32 1.55 -8.52 -38.51
N PHE F 33 1.79 -7.28 -38.91
CA PHE F 33 0.94 -6.63 -39.95
C PHE F 33 1.72 -5.90 -41.04
N PRO F 34 1.83 -6.44 -42.25
CA PRO F 34 2.35 -5.61 -43.38
C PRO F 34 1.44 -5.64 -44.61
N LEU G 10 -3.06 -44.74 12.96
CA LEU G 10 -4.46 -44.34 12.78
C LEU G 10 -4.59 -43.03 12.00
N ALA G 11 -5.84 -42.65 11.77
CA ALA G 11 -6.21 -41.33 11.27
C ALA G 11 -5.87 -40.25 12.29
N THR G 12 -6.13 -40.60 13.56
CA THR G 12 -5.45 -40.10 14.74
C THR G 12 -4.77 -38.74 14.60
N ARG G 13 -3.61 -38.71 13.97
CA ARG G 13 -3.00 -37.42 13.62
C ARG G 13 -3.82 -36.25 14.14
N ALA G 14 -4.21 -36.34 15.42
CA ALA G 14 -5.17 -35.44 16.04
C ALA G 14 -4.80 -33.98 15.87
N ILE G 15 -3.75 -33.72 15.07
CA ILE G 15 -3.16 -32.38 14.95
C ILE G 15 -3.64 -31.44 13.82
N PRO G 16 -4.96 -31.13 13.78
CA PRO G 16 -5.36 -29.78 13.37
C PRO G 16 -4.77 -28.72 14.29
N GLU G 17 -4.07 -29.16 15.35
CA GLU G 17 -3.38 -28.26 16.29
C GLU G 17 -2.01 -27.92 15.72
N LEU G 18 -1.40 -28.92 15.06
CA LEU G 18 -0.15 -28.73 14.32
C LEU G 18 -0.23 -27.66 13.24
N THR G 19 -1.36 -27.59 12.54
CA THR G 19 -1.61 -26.46 11.64
C THR G 19 -1.36 -25.14 12.36
N LYS G 20 -1.97 -25.03 13.55
CA LYS G 20 -1.92 -23.81 14.36
C LYS G 20 -0.51 -23.45 14.75
N LEU G 21 0.26 -24.41 15.26
CA LEU G 21 1.65 -24.16 15.61
C LEU G 21 2.53 -23.83 14.37
N LEU G 22 2.29 -24.52 13.25
CA LEU G 22 2.90 -24.14 11.97
C LEU G 22 2.72 -22.67 11.64
N ASN G 23 1.52 -22.13 11.89
CA ASN G 23 1.23 -20.70 11.68
C ASN G 23 1.65 -19.78 12.84
N ASP G 24 2.44 -20.29 13.78
CA ASP G 24 2.88 -19.42 14.87
C ASP G 24 3.75 -18.24 14.41
N GLU G 25 3.81 -17.18 15.24
CA GLU G 25 4.64 -16.02 14.92
C GLU G 25 6.00 -16.18 15.58
N ASP G 26 6.19 -17.29 16.27
CA ASP G 26 7.47 -17.55 16.89
C ASP G 26 8.24 -18.57 16.07
N GLN G 27 9.42 -18.13 15.58
CA GLN G 27 10.30 -18.90 14.70
C GLN G 27 10.74 -20.23 15.28
N VAL G 28 11.16 -20.26 16.55
CA VAL G 28 11.51 -21.54 17.18
C VAL G 28 10.34 -22.52 17.11
N VAL G 29 9.14 -22.02 17.30
CA VAL G 29 7.96 -22.87 17.42
C VAL G 29 7.56 -23.45 16.06
N VAL G 30 7.39 -22.55 15.07
CA VAL G 30 7.20 -22.95 13.66
C VAL G 30 8.19 -24.03 13.24
N ASN G 31 9.47 -23.77 13.53
CA ASN G 31 10.54 -24.71 13.20
C ASN G 31 10.29 -26.16 13.70
N LYS G 32 9.99 -26.31 14.99
CA LYS G 32 9.80 -27.64 15.55
C LYS G 32 8.53 -28.30 15.02
N ALA G 33 7.48 -27.50 14.85
CA ALA G 33 6.27 -28.00 14.20
C ALA G 33 6.58 -28.50 12.78
N ALA G 34 7.42 -27.76 12.06
CA ALA G 34 7.83 -28.13 10.70
C ALA G 34 8.52 -29.50 10.69
N VAL G 35 9.42 -29.74 11.65
CA VAL G 35 10.10 -31.04 11.72
C VAL G 35 9.09 -32.15 11.91
N MET G 36 8.18 -31.94 12.85
CA MET G 36 7.19 -32.96 13.19
C MET G 36 6.30 -33.30 11.99
N VAL G 37 5.86 -32.25 11.28
CA VAL G 37 5.01 -32.42 10.10
C VAL G 37 5.78 -33.18 9.01
N HIS G 38 7.06 -32.86 8.87
CA HIS G 38 7.96 -33.51 7.93
C HIS G 38 8.06 -35.00 8.29
N GLN G 39 8.46 -35.24 9.55
CA GLN G 39 8.48 -36.59 10.13
C GLN G 39 7.21 -37.36 9.86
N LEU G 40 6.05 -36.78 10.18
CA LEU G 40 4.74 -37.38 9.83
C LEU G 40 4.55 -37.65 8.33
N SER G 41 5.31 -36.93 7.50
CA SER G 41 5.21 -37.06 6.05
C SER G 41 5.90 -38.30 5.47
N LYS G 42 6.63 -39.03 6.31
CA LYS G 42 7.37 -40.22 5.85
C LYS G 42 6.57 -41.51 6.09
N LYS G 43 5.72 -41.50 7.11
CA LYS G 43 4.86 -42.65 7.40
C LYS G 43 3.75 -42.65 6.39
N GLU G 44 3.68 -43.73 5.60
CA GLU G 44 2.65 -43.92 4.59
C GLU G 44 1.26 -43.54 5.06
N ALA G 45 0.83 -44.13 6.18
CA ALA G 45 -0.49 -43.86 6.73
C ALA G 45 -0.78 -42.39 7.02
N SER G 46 0.13 -41.72 7.73
CA SER G 46 -0.13 -40.34 8.19
C SER G 46 0.09 -39.24 7.13
N ARG G 47 0.84 -39.55 6.07
CA ARG G 47 0.84 -38.72 4.86
C ARG G 47 -0.59 -38.57 4.33
N HIS G 48 -1.31 -39.68 4.27
CA HIS G 48 -2.68 -39.67 3.78
C HIS G 48 -3.47 -38.53 4.43
N ALA G 49 -3.40 -38.44 5.75
CA ALA G 49 -4.25 -37.52 6.49
C ALA G 49 -3.77 -36.08 6.41
N ILE G 50 -2.44 -35.93 6.39
CA ILE G 50 -1.87 -34.62 6.11
C ILE G 50 -2.56 -34.13 4.83
N MET G 51 -2.56 -34.99 3.81
CA MET G 51 -2.99 -34.57 2.50
C MET G 51 -4.50 -34.44 2.36
N ARG G 52 -5.24 -34.99 3.32
CA ARG G 52 -6.70 -34.76 3.35
C ARG G 52 -7.07 -33.54 4.20
N SER G 53 -6.06 -32.81 4.70
CA SER G 53 -6.31 -31.61 5.48
C SER G 53 -5.85 -30.33 4.79
N PRO G 54 -6.79 -29.68 4.07
CA PRO G 54 -6.63 -28.38 3.41
C PRO G 54 -5.93 -27.28 4.23
N GLN G 55 -6.38 -27.03 5.45
CA GLN G 55 -5.76 -26.02 6.32
C GLN G 55 -4.30 -26.32 6.66
N MET G 56 -3.98 -27.60 6.82
CA MET G 56 -2.62 -28.01 7.09
C MET G 56 -1.68 -27.87 5.84
N VAL G 57 -2.16 -28.31 4.68
CA VAL G 57 -1.33 -28.22 3.47
C VAL G 57 -1.02 -26.75 3.21
N SER G 58 -2.06 -25.90 3.34
CA SER G 58 -1.97 -24.43 3.22
C SER G 58 -0.93 -23.85 4.15
N ALA G 59 -0.86 -24.43 5.35
CA ALA G 59 0.07 -23.94 6.34
C ALA G 59 1.52 -24.34 6.02
N ILE G 60 1.71 -25.55 5.49
CA ILE G 60 3.04 -25.97 4.98
C ILE G 60 3.54 -24.98 3.86
N VAL G 61 2.67 -24.70 2.89
CA VAL G 61 3.04 -23.83 1.73
C VAL G 61 3.42 -22.46 2.24
N ARG G 62 2.52 -21.92 3.10
CA ARG G 62 2.66 -20.59 3.68
C ARG G 62 3.95 -20.50 4.44
N THR G 63 4.20 -21.48 5.29
CA THR G 63 5.42 -21.42 6.09
C THR G 63 6.64 -21.53 5.19
N MET G 64 6.58 -22.46 4.21
CA MET G 64 7.67 -22.69 3.26
C MET G 64 8.13 -21.40 2.60
N GLN G 65 7.18 -20.61 2.09
CA GLN G 65 7.47 -19.37 1.35
C GLN G 65 7.68 -18.06 2.18
N ASN G 66 7.35 -18.12 3.47
CA ASN G 66 7.44 -16.95 4.33
C ASN G 66 8.52 -17.04 5.37
N THR G 67 8.96 -18.27 5.67
CA THR G 67 9.95 -18.46 6.71
C THR G 67 11.25 -17.80 6.29
N ASN G 68 11.98 -17.25 7.24
CA ASN G 68 13.36 -16.81 6.98
C ASN G 68 14.32 -17.84 7.59
N ASP G 69 13.80 -19.02 7.93
CA ASP G 69 14.61 -20.08 8.54
C ASP G 69 14.89 -21.17 7.52
N VAL G 70 16.18 -21.50 7.33
CA VAL G 70 16.60 -22.38 6.26
C VAL G 70 16.07 -23.80 6.46
N GLU G 71 16.20 -24.28 7.70
CA GLU G 71 15.90 -25.65 8.04
C GLU G 71 14.38 -25.86 7.99
N THR G 72 13.63 -24.84 8.36
CA THR G 72 12.17 -24.82 8.22
C THR G 72 11.75 -24.89 6.71
N ALA G 73 12.44 -24.10 5.88
CA ALA G 73 12.23 -24.14 4.40
C ALA G 73 12.48 -25.54 3.88
N ARG G 74 13.62 -26.12 4.29
CA ARG G 74 13.92 -27.51 3.87
C ARG G 74 12.81 -28.48 4.26
N CYS G 75 12.38 -28.43 5.52
CA CYS G 75 11.44 -29.43 6.03
C CYS G 75 10.05 -29.26 5.47
N THR G 76 9.59 -28.01 5.34
CA THR G 76 8.29 -27.87 4.67
C THR G 76 8.38 -28.27 3.15
N ALA G 77 9.44 -27.89 2.48
CA ALA G 77 9.53 -28.27 1.05
C ALA G 77 9.69 -29.81 0.91
N GLY G 78 10.48 -30.42 1.80
CA GLY G 78 10.57 -31.93 1.77
C GLY G 78 9.20 -32.56 1.96
N THR G 79 8.37 -31.90 2.76
CA THR G 79 7.04 -32.45 3.02
C THR G 79 6.20 -32.45 1.77
N LEU G 80 6.07 -31.29 1.13
CA LEU G 80 5.35 -31.22 -0.15
C LEU G 80 6.02 -32.19 -1.11
N HIS G 81 7.35 -32.23 -1.14
CA HIS G 81 8.01 -33.23 -2.00
C HIS G 81 7.41 -34.60 -1.71
N ASN G 82 7.42 -34.99 -0.44
CA ASN G 82 6.82 -36.27 -0.05
C ASN G 82 5.36 -36.40 -0.50
N LEU G 83 4.57 -35.36 -0.27
CA LEU G 83 3.19 -35.38 -0.72
C LEU G 83 3.04 -35.55 -2.25
N SER G 84 4.00 -35.01 -3.01
CA SER G 84 3.85 -34.99 -4.49
C SER G 84 3.92 -36.38 -5.14
N HIS G 85 4.34 -37.37 -4.34
CA HIS G 85 4.42 -38.74 -4.82
C HIS G 85 3.08 -39.45 -4.92
N HIS G 86 2.00 -38.79 -4.50
CA HIS G 86 0.68 -39.39 -4.58
C HIS G 86 -0.27 -38.46 -5.30
N ARG G 87 -1.18 -39.04 -6.09
CA ARG G 87 -2.16 -38.25 -6.85
C ARG G 87 -2.88 -37.23 -5.97
N GLU G 88 -3.25 -37.65 -4.76
CA GLU G 88 -4.07 -36.82 -3.87
C GLU G 88 -3.23 -35.72 -3.24
N GLY G 89 -1.96 -36.03 -3.00
CA GLY G 89 -0.95 -35.03 -2.64
C GLY G 89 -0.83 -33.90 -3.67
N LEU G 90 -0.66 -34.28 -4.93
CA LEU G 90 -0.51 -33.32 -6.01
C LEU G 90 -1.65 -32.34 -5.98
N LEU G 91 -2.87 -32.88 -5.89
CA LEU G 91 -4.10 -32.10 -5.94
C LEU G 91 -4.23 -31.11 -4.76
N ALA G 92 -3.94 -31.61 -3.57
CA ALA G 92 -3.81 -30.77 -2.36
C ALA G 92 -2.77 -29.64 -2.49
N ILE G 93 -1.53 -29.97 -2.92
CA ILE G 93 -0.52 -28.90 -3.15
C ILE G 93 -1.14 -27.82 -4.10
N PHE G 94 -1.77 -28.34 -5.14
CA PHE G 94 -2.33 -27.51 -6.24
C PHE G 94 -3.46 -26.61 -5.76
N LYS G 95 -4.40 -27.18 -5.00
CA LYS G 95 -5.51 -26.40 -4.44
C LYS G 95 -5.07 -25.50 -3.29
N SER G 96 -3.97 -25.82 -2.61
CA SER G 96 -3.42 -24.89 -1.57
C SER G 96 -2.55 -23.75 -2.10
N GLY G 97 -2.51 -23.54 -3.42
CA GLY G 97 -1.62 -22.50 -3.99
C GLY G 97 -0.14 -22.86 -3.78
N GLY G 98 0.19 -24.16 -3.78
CA GLY G 98 1.62 -24.54 -3.66
C GLY G 98 2.51 -24.16 -4.87
N ILE G 99 1.94 -24.09 -6.07
CA ILE G 99 2.71 -23.78 -7.28
C ILE G 99 3.34 -22.39 -7.25
N PRO G 100 2.57 -21.35 -6.97
CA PRO G 100 3.30 -20.09 -6.86
C PRO G 100 4.25 -20.08 -5.70
N ALA G 101 3.96 -20.77 -4.59
CA ALA G 101 5.02 -20.72 -3.51
C ALA G 101 6.31 -21.53 -3.89
N LEU G 102 6.10 -22.68 -4.53
CA LEU G 102 7.19 -23.50 -4.99
C LEU G 102 8.05 -22.72 -6.02
N VAL G 103 7.41 -21.91 -6.88
CA VAL G 103 8.14 -21.17 -7.89
C VAL G 103 8.96 -20.14 -7.15
N LYS G 104 8.40 -19.47 -6.13
CA LYS G 104 9.21 -18.50 -5.35
C LYS G 104 10.46 -19.19 -4.74
N MET G 105 10.34 -20.47 -4.40
CA MET G 105 11.40 -21.21 -3.73
C MET G 105 12.54 -21.49 -4.73
N LEU G 106 12.28 -21.35 -6.03
CA LEU G 106 13.38 -21.48 -7.04
C LEU G 106 14.40 -20.33 -6.95
N GLY G 107 14.07 -19.31 -6.17
CA GLY G 107 15.00 -18.18 -5.97
C GLY G 107 15.95 -18.40 -4.79
N SER G 108 15.89 -19.59 -4.21
CA SER G 108 16.57 -19.85 -2.95
C SER G 108 18.03 -20.21 -3.20
N PRO G 109 18.94 -19.74 -2.32
CA PRO G 109 20.35 -20.14 -2.44
C PRO G 109 20.62 -21.51 -1.84
N VAL G 110 19.63 -22.12 -1.19
CA VAL G 110 19.85 -23.37 -0.46
C VAL G 110 19.61 -24.61 -1.33
N ASP G 111 20.61 -25.47 -1.48
CA ASP G 111 20.55 -26.57 -2.46
C ASP G 111 19.44 -27.56 -2.26
N SER G 112 19.19 -27.95 -1.01
CA SER G 112 18.17 -28.97 -0.74
C SER G 112 16.73 -28.39 -0.90
N VAL G 113 16.56 -27.10 -0.71
CA VAL G 113 15.24 -26.45 -0.94
C VAL G 113 14.95 -26.47 -2.46
N LEU G 114 15.92 -25.98 -3.21
CA LEU G 114 15.94 -26.04 -4.64
C LEU G 114 15.53 -27.41 -5.13
N PHE G 115 16.19 -28.46 -4.60
CA PHE G 115 15.92 -29.83 -4.99
C PHE G 115 14.52 -30.21 -4.76
N TYR G 116 14.03 -29.90 -3.57
CA TYR G 116 12.65 -30.21 -3.30
C TYR G 116 11.68 -29.34 -4.12
N ALA G 117 11.97 -28.06 -4.27
CA ALA G 117 11.11 -27.20 -5.13
C ALA G 117 11.03 -27.73 -6.56
N ILE G 118 12.19 -27.96 -7.20
CA ILE G 118 12.13 -28.32 -8.65
C ILE G 118 11.49 -29.71 -8.84
N THR G 119 11.76 -30.69 -7.97
CA THR G 119 11.17 -32.06 -8.15
C THR G 119 9.67 -32.04 -7.96
N THR G 120 9.25 -31.25 -6.98
CA THR G 120 7.81 -31.18 -6.65
C THR G 120 7.13 -30.51 -7.86
N LEU G 121 7.69 -29.39 -8.37
CA LEU G 121 7.12 -28.84 -9.64
C LEU G 121 7.17 -29.83 -10.78
N HIS G 122 8.26 -30.58 -10.87
CA HIS G 122 8.40 -31.51 -11.96
C HIS G 122 7.30 -32.53 -11.84
N ASN G 123 7.09 -33.06 -10.60
CA ASN G 123 5.99 -34.03 -10.34
C ASN G 123 4.60 -33.50 -10.65
N LEU G 124 4.36 -32.23 -10.31
CA LEU G 124 3.12 -31.60 -10.68
C LEU G 124 3.00 -31.47 -12.22
N LEU G 125 4.08 -31.02 -12.90
CA LEU G 125 4.00 -30.83 -14.37
C LEU G 125 3.77 -32.11 -15.13
N LEU G 126 4.35 -33.22 -14.64
CA LEU G 126 4.15 -34.55 -15.21
C LEU G 126 2.76 -35.19 -14.96
N HIS G 127 2.13 -34.92 -13.81
CA HIS G 127 0.98 -35.71 -13.36
C HIS G 127 -0.29 -34.94 -13.08
N GLN G 128 -0.20 -33.64 -12.76
CA GLN G 128 -1.35 -32.84 -12.38
C GLN G 128 -1.92 -31.97 -13.48
N GLU G 129 -3.13 -32.30 -13.96
CA GLU G 129 -3.86 -31.46 -14.93
C GLU G 129 -3.96 -30.04 -14.40
N GLY G 130 -3.79 -29.05 -15.28
CA GLY G 130 -3.80 -27.62 -14.87
C GLY G 130 -2.48 -27.05 -14.35
N ALA G 131 -1.55 -27.93 -13.95
CA ALA G 131 -0.20 -27.49 -13.42
C ALA G 131 0.56 -26.65 -14.47
N LYS G 132 0.46 -27.05 -15.76
CA LYS G 132 1.17 -26.35 -16.85
C LYS G 132 0.82 -24.86 -16.85
N MET G 133 -0.47 -24.56 -16.92
CA MET G 133 -0.90 -23.15 -16.95
C MET G 133 -0.58 -22.36 -15.69
N ALA G 134 -0.81 -23.00 -14.53
CA ALA G 134 -0.51 -22.33 -13.24
C ALA G 134 0.98 -22.04 -13.07
N VAL G 135 1.85 -23.01 -13.35
CA VAL G 135 3.32 -22.71 -13.23
C VAL G 135 3.61 -21.57 -14.17
N ARG G 136 2.95 -21.62 -15.33
CA ARG G 136 3.17 -20.63 -16.37
C ARG G 136 2.69 -19.28 -15.87
N LEU G 137 1.47 -19.25 -15.30
CA LEU G 137 0.94 -18.00 -14.76
C LEU G 137 1.75 -17.51 -13.62
N ALA G 138 2.32 -18.42 -12.80
CA ALA G 138 3.13 -17.95 -11.66
C ALA G 138 4.54 -17.44 -12.04
N GLY G 139 4.87 -17.40 -13.35
CA GLY G 139 6.21 -16.93 -13.74
C GLY G 139 7.32 -18.03 -13.59
N GLY G 140 6.92 -19.31 -13.66
CA GLY G 140 7.86 -20.43 -13.46
C GLY G 140 8.83 -20.61 -14.62
N LEU G 141 8.39 -20.25 -15.81
CA LEU G 141 9.27 -20.42 -16.97
C LEU G 141 10.52 -19.53 -16.86
N GLN G 142 10.31 -18.25 -16.63
CA GLN G 142 11.34 -17.32 -16.29
C GLN G 142 12.20 -17.69 -15.09
N LYS G 143 11.62 -18.08 -13.96
CA LYS G 143 12.42 -18.50 -12.85
C LYS G 143 13.30 -19.74 -13.18
N MET G 144 12.77 -20.66 -13.96
CA MET G 144 13.53 -21.88 -14.28
C MET G 144 14.63 -21.49 -15.26
N VAL G 145 14.31 -20.61 -16.21
CA VAL G 145 15.36 -20.19 -17.11
C VAL G 145 16.50 -19.47 -16.38
N ALA G 146 16.14 -18.62 -15.41
CA ALA G 146 17.22 -17.98 -14.62
C ALA G 146 18.13 -19.01 -13.88
N LEU G 147 17.63 -20.20 -13.55
CA LEU G 147 18.47 -21.20 -12.81
C LEU G 147 19.49 -21.93 -13.71
N LEU G 148 19.28 -21.86 -15.04
CA LEU G 148 20.00 -22.78 -15.96
C LEU G 148 21.50 -22.63 -15.87
N ASN G 149 22.01 -21.45 -15.56
CA ASN G 149 23.42 -21.28 -15.50
C ASN G 149 23.94 -21.28 -14.09
N LYS G 150 23.18 -21.71 -13.10
CA LYS G 150 23.79 -21.58 -11.76
C LYS G 150 23.56 -22.89 -10.97
N THR G 151 23.48 -24.00 -11.69
CA THR G 151 22.99 -25.17 -11.03
C THR G 151 23.82 -26.39 -11.52
N ASN G 152 23.94 -27.46 -10.74
CA ASN G 152 24.73 -28.65 -11.22
C ASN G 152 23.89 -29.41 -12.31
N VAL G 153 24.47 -30.41 -12.96
CA VAL G 153 23.98 -30.95 -14.20
C VAL G 153 22.70 -31.72 -13.90
N LYS G 154 22.61 -32.25 -12.68
CA LYS G 154 21.38 -33.02 -12.30
C LYS G 154 20.19 -32.08 -12.13
N PHE G 155 20.39 -30.94 -11.45
CA PHE G 155 19.33 -29.92 -11.35
C PHE G 155 19.01 -29.39 -12.75
N LEU G 156 20.07 -29.17 -13.53
CA LEU G 156 19.92 -28.73 -14.91
C LEU G 156 19.01 -29.64 -15.73
N ALA G 157 19.26 -30.94 -15.66
CA ALA G 157 18.42 -31.88 -16.41
C ALA G 157 16.99 -31.82 -15.94
N ILE G 158 16.74 -31.74 -14.62
CA ILE G 158 15.32 -31.73 -14.23
C ILE G 158 14.64 -30.40 -14.68
N THR G 159 15.36 -29.29 -14.52
CA THR G 159 14.92 -27.95 -15.00
C THR G 159 14.65 -27.97 -16.51
N THR G 160 15.55 -28.58 -17.24
CA THR G 160 15.39 -28.70 -18.69
C THR G 160 14.11 -29.48 -19.07
N ASP G 161 13.84 -30.57 -18.39
CA ASP G 161 12.62 -31.30 -18.63
C ASP G 161 11.35 -30.53 -18.27
N CYS G 162 11.33 -29.79 -17.16
CA CYS G 162 10.16 -28.94 -16.81
C CYS G 162 9.90 -27.90 -17.93
N LEU G 163 10.96 -27.17 -18.34
CA LEU G 163 10.93 -26.26 -19.45
C LEU G 163 10.37 -26.91 -20.73
N GLN G 164 10.68 -28.17 -21.00
CA GLN G 164 10.11 -28.85 -22.15
C GLN G 164 8.61 -28.97 -22.07
N ILE G 165 8.09 -29.15 -20.85
CA ILE G 165 6.67 -29.32 -20.67
C ILE G 165 6.06 -27.91 -20.72
N LEU G 166 6.75 -26.94 -20.15
CA LEU G 166 6.12 -25.65 -20.00
C LEU G 166 6.04 -24.84 -21.34
N ALA G 167 7.02 -25.04 -22.20
CA ALA G 167 7.17 -24.21 -23.36
C ALA G 167 6.28 -24.70 -24.46
N SER H 11 11.53 -11.35 25.87
CA SER H 11 10.24 -10.77 26.38
C SER H 11 9.47 -11.81 27.21
N GLN H 12 8.99 -11.41 28.39
CA GLN H 12 8.22 -12.31 29.27
C GLN H 12 6.92 -12.83 28.62
N GLU H 13 6.16 -11.96 27.94
CA GLU H 13 4.98 -12.42 27.20
C GLU H 13 5.41 -13.41 26.13
N GLN H 14 6.52 -13.07 25.45
CA GLN H 14 7.14 -13.95 24.45
C GLN H 14 7.59 -15.29 25.04
N LEU H 15 8.28 -15.23 26.19
CA LEU H 15 8.75 -16.42 26.91
C LEU H 15 7.63 -17.42 27.28
N GLU H 16 6.51 -16.90 27.77
CA GLU H 16 5.39 -17.74 28.19
C GLU H 16 4.73 -18.38 26.98
N HIS H 17 4.56 -17.57 25.94
CA HIS H 17 4.12 -18.08 24.63
C HIS H 17 4.98 -19.26 24.14
N ARG H 18 6.29 -19.09 24.18
CA ARG H 18 7.23 -20.12 23.71
C ARG H 18 7.21 -21.38 24.58
N GLU H 19 7.31 -21.19 25.91
CA GLU H 19 7.22 -22.30 26.86
C GLU H 19 5.90 -23.07 26.70
N ARG H 20 4.80 -22.34 26.54
CA ARG H 20 3.48 -22.92 26.35
C ARG H 20 3.34 -23.63 24.99
N SER H 21 3.95 -23.04 23.95
CA SER H 21 3.91 -23.66 22.62
C SER H 21 4.86 -24.85 22.51
N LEU H 22 6.08 -24.72 23.04
CA LEU H 22 7.02 -25.82 23.06
C LEU H 22 6.53 -26.98 23.95
N GLN H 23 5.73 -26.66 24.99
CA GLN H 23 5.08 -27.73 25.79
C GLN H 23 4.07 -28.48 24.93
N THR H 24 3.14 -27.73 24.29
CA THR H 24 2.14 -28.29 23.36
C THR H 24 2.86 -29.10 22.28
N LEU H 25 4.02 -28.59 21.82
CA LEU H 25 4.88 -29.33 20.92
C LEU H 25 5.43 -30.55 21.64
N ARG H 26 6.29 -30.34 22.64
CA ARG H 26 6.95 -31.42 23.40
C ARG H 26 6.04 -32.63 23.62
N ASP H 27 4.76 -32.36 23.90
CA ASP H 27 3.71 -33.40 23.91
C ASP H 27 3.42 -33.99 22.52
N ILE H 28 4.42 -34.74 22.03
CA ILE H 28 4.48 -35.30 20.66
C ILE H 28 3.41 -36.36 20.39
N GLN H 29 3.61 -37.56 20.98
CA GLN H 29 2.98 -38.82 20.54
C GLN H 29 1.48 -38.96 20.76
N ARG H 30 0.99 -38.38 21.85
CA ARG H 30 -0.42 -38.46 22.19
C ARG H 30 -1.33 -38.17 21.01
C1 EDO I . -3.22 38.65 25.80
O1 EDO I . -1.88 39.20 25.67
C2 EDO I . -4.24 39.75 25.52
O2 EDO I . -5.54 39.27 25.90
C1 EDO J . -9.00 12.05 -8.58
O1 EDO J . -7.56 11.88 -8.45
C2 EDO J . -9.37 13.47 -8.15
O2 EDO J . -8.50 13.87 -7.08
C1 PEG K . -6.13 40.98 4.07
O1 PEG K . -6.06 41.57 5.39
C2 PEG K . -5.19 41.62 3.06
O2 PEG K . -5.92 42.54 2.20
C3 PEG K . -5.11 43.15 1.18
C4 PEG K . -4.31 44.25 1.88
O4 PEG K . -4.64 44.17 3.28
N1 IMD L . -4.09 26.45 1.08
C2 IMD L . -4.50 27.72 0.81
N3 IMD L . -5.13 27.74 -0.38
C4 IMD L . -5.14 26.50 -0.89
C5 IMD L . -4.50 25.68 0.03
N1 IMD M . -11.85 28.10 26.15
C2 IMD M . -12.24 28.89 25.11
N3 IMD M . -12.88 29.97 25.61
C4 IMD M . -12.88 29.87 26.96
C5 IMD M . -12.24 28.69 27.30
C1 EDO N . 10.60 30.93 18.42
O1 EDO N . 11.55 31.62 17.62
C2 EDO N . 9.81 31.95 19.23
O2 EDO N . 10.35 32.17 20.52
C1 EDO O . -12.93 6.06 -20.00
O1 EDO O . -12.53 7.07 -19.05
C2 EDO O . -13.76 4.92 -19.34
O2 EDO O . -15.21 4.78 -19.69
C1 PEG P . -20.69 -1.99 -9.91
O1 PEG P . -19.57 -2.14 -9.03
C2 PEG P . -21.92 -2.46 -9.15
O2 PEG P . -22.65 -1.29 -8.75
C3 PEG P . -24.06 -1.50 -8.77
C4 PEG P . -24.76 -0.27 -8.19
O4 PEG P . -25.04 0.70 -9.22
C1 GOL Q . 30.35 27.08 22.73
O1 GOL Q . 31.15 28.20 22.98
C2 GOL Q . 30.99 25.98 23.54
O2 GOL Q . 30.52 25.99 24.86
C3 GOL Q . 30.82 24.61 22.93
O3 GOL Q . 31.64 23.78 23.73
C1 GOL R . 31.79 13.90 11.84
O1 GOL R . 31.85 15.07 11.07
C2 GOL R . 31.62 14.37 13.26
O2 GOL R . 32.90 14.40 13.87
C3 GOL R . 30.67 13.48 14.06
O3 GOL R . 29.46 14.12 14.44
C1 EDO S . 22.56 1.97 19.17
O1 EDO S . 23.01 2.75 20.29
C2 EDO S . 22.49 2.86 17.94
O2 EDO S . 23.04 2.11 16.83
C1 EDO T . 25.24 12.84 26.88
O1 EDO T . 26.06 12.52 25.71
C2 EDO T . 24.66 11.55 27.53
O2 EDO T . 23.45 11.85 28.30
C1 EDO U . 29.78 25.68 16.95
O1 EDO U . 31.14 25.90 17.33
C2 EDO U . 29.45 26.44 15.66
O2 EDO U . 28.46 27.45 15.94
C1 PEG V . 10.82 19.36 28.28
O1 PEG V . 11.33 20.09 27.16
C2 PEG V . 9.31 19.47 28.19
O2 PEG V . 9.03 20.06 26.91
C3 PEG V . 7.79 20.75 26.91
C4 PEG V . 8.09 22.21 27.19
O4 PEG V . 8.33 22.83 25.93
C1 PEG W . 6.55 14.30 21.45
O1 PEG W . 7.50 13.80 22.41
C2 PEG W . 6.82 13.69 20.05
O2 PEG W . 5.73 13.01 19.40
C3 PEG W . 4.37 13.48 19.58
C4 PEG W . 3.40 12.95 18.52
O4 PEG W . 2.54 11.94 19.08
N1 IMD X . 6.62 21.08 12.57
C2 IMD X . 7.71 20.29 12.41
N3 IMD X . 7.91 19.57 13.54
C4 IMD X . 6.93 19.87 14.42
C5 IMD X . 6.12 20.83 13.80
C1 EDO Y . -15.99 -12.60 -10.81
O1 EDO Y . -14.58 -12.36 -10.90
C2 EDO Y . -16.44 -12.95 -12.20
O2 EDO Y . -17.72 -13.55 -12.20
C1 GOL Z . -36.06 -11.43 -24.06
O1 GOL Z . -36.23 -11.64 -22.67
C2 GOL Z . -34.65 -11.82 -24.47
O2 GOL Z . -34.35 -13.07 -23.87
C3 GOL Z . -34.52 -11.91 -25.99
O3 GOL Z . -33.23 -11.50 -26.43
C1 EDO AA . -21.43 7.65 -14.14
O1 EDO AA . -21.43 9.05 -13.83
C2 EDO AA . -20.48 6.93 -13.19
O2 EDO AA . -21.20 5.91 -12.49
C1 EDO BA . -27.87 -1.17 -30.40
O1 EDO BA . -27.04 -0.11 -29.94
C2 EDO BA . -27.72 -2.31 -29.39
O2 EDO BA . -27.01 -3.42 -29.99
C1 EDO CA . -20.94 -21.41 -14.00
O1 EDO CA . -22.21 -22.09 -14.22
C2 EDO CA . -20.02 -21.60 -15.19
O2 EDO CA . -20.33 -22.86 -15.79
C1 PEG DA . -29.92 -8.98 -8.10
O1 PEG DA . -30.95 -9.76 -8.71
C2 PEG DA . -30.28 -8.84 -6.62
O2 PEG DA . -30.06 -7.52 -6.04
C3 PEG DA . -31.09 -7.25 -5.07
C4 PEG DA . -30.84 -5.97 -4.28
O4 PEG DA . -31.60 -4.90 -4.85
N1 IMD EA . 4.74 -4.57 -15.51
C2 IMD EA . 4.62 -4.53 -16.87
N3 IMD EA . 5.74 -3.97 -17.39
C4 IMD EA . 6.57 -3.65 -16.37
C5 IMD EA . 5.94 -4.04 -15.19
C1 GOL FA . 8.89 -11.90 -37.99
O1 GOL FA . 7.81 -11.83 -38.90
C2 GOL FA . 9.59 -13.26 -37.91
O2 GOL FA . 10.69 -13.30 -36.97
C3 GOL FA . 8.57 -14.38 -37.75
O3 GOL FA . 8.26 -14.95 -39.00
C1 GOL GA . 19.73 -39.51 -10.79
O1 GOL GA . 20.78 -38.58 -10.79
C2 GOL GA . 19.12 -39.58 -12.20
O2 GOL GA . 17.95 -40.39 -12.22
C3 GOL GA . 18.71 -38.18 -12.61
O3 GOL GA . 19.85 -37.38 -12.46
N1 IMD HA . 14.59 -35.71 -15.96
C2 IMD HA . 13.66 -36.26 -15.15
N3 IMD HA . 14.26 -36.98 -14.17
C4 IMD HA . 15.60 -36.90 -14.37
C5 IMD HA . 15.80 -36.10 -15.50
N1 IMD IA . 8.11 -35.10 -20.35
C2 IMD IA . 8.55 -34.35 -21.38
N3 IMD IA . 9.75 -34.85 -21.76
C4 IMD IA . 10.05 -35.92 -20.97
C5 IMD IA . 9.01 -36.08 -20.06
N1 IMD JA . -6.56 -22.88 -7.70
C2 IMD JA . -6.40 -22.61 -6.39
N3 IMD JA . -5.32 -21.82 -6.21
C4 IMD JA . -4.77 -21.58 -7.42
C5 IMD JA . -5.56 -22.25 -8.37
#